data_5UPO
#
_entry.id   5UPO
#
_cell.length_a   65.320
_cell.length_b   96.480
_cell.length_c   157.330
_cell.angle_alpha   90.000
_cell.angle_beta   90.000
_cell.angle_gamma   90.000
#
_symmetry.space_group_name_H-M   'P 21 21 21'
#
loop_
_entity.id
_entity.type
_entity.pdbx_description
1 polymer 'BH0236 protein'
2 branched beta-D-glucopyranose-(1-3)-beta-D-glucopyranose-(1-3)-beta-D-glucopyranose-(1-3)-beta-D-glucopyranose-(1-3)-beta-D-glucopyranose
3 non-polymer 'PHOSPHATE ION'
4 non-polymer 1,2-ETHANEDIOL
5 water water
#
_entity_poly.entity_id   1
_entity_poly.type   'polypeptide(L)'
_entity_poly.pdbx_seq_one_letter_code
;MHAVSVGKGSYATEFPEIDFGGINDPGFRDQQGEPPATIYRSDRVTGPMQTNSWWGSLAVDRFSMNQYPHPFSVRHRAEG
LHVFYDAPHNMVVHENREAGTWHIHGAIGTDFTIKHSGTANFEQAVVDDYNDWYVRGLLENGAHQMAITYGVGSPYIFVE
YEDGSAVLDFDIAPDVWEMNGHVIGFSTHDHKHYAAFAPPGQNWSGIGSKTLTNNADYIAIAKLPEKDGNMLAKFEQYAY
SVVRDAVADWTYDEATGTVTTTFEVTTEAKVQGAPDGTIFALYPHQYRHLASSSENQLLQNYQYEIIRGTMIGLEGKRFT
TELTYPGVLPSLPDLGDYDRERLIGYLHDATSDYPTGSDTYELGKYIGKLATLAPIADQMGEYELAEQFRGELKDILEDW
LQATNASGQLKGKNLFYYNENWGTILGYHAAHSSATRINDHHFHYGYFVKAAAEIARADQEWAKSENWGGMIDLLIRDFM
ADRDDDLFPYLRMFDPYSGNSWADGLATFDAGNNQQSSSEAMHAWTNVILWAEATGNKALRDRAIYLYTTEMSAINEYFF
DVHQEIFPEEYGPEIVTINWGGKMDHATWWNSGKVEKYAINWLPFHGGSLYLGHHPDYVDRAYEELRRDIGSTDWNLWSN
LVWMYRAFTNPDDALQQMEASIDDYGLFDPGNEKIIERGSTKAQTYHWIHNLAELGRVDPTVTANHPIYAVFNKNGNRTY
IVYNFSDSPITVQFSDGHSIQVEPHSFNIGNGD
;
_entity_poly.pdbx_strand_id   A
#
# COMPACT_ATOMS: atom_id res chain seq x y z
N MET A 1 -3.93 33.73 -10.27
CA MET A 1 -5.36 33.53 -10.71
C MET A 1 -5.72 32.02 -10.79
N HIS A 2 -5.26 31.33 -11.83
CA HIS A 2 -5.64 29.92 -12.08
C HIS A 2 -4.50 28.90 -11.96
N ALA A 3 -3.33 29.33 -11.52
CA ALA A 3 -2.18 28.41 -11.25
C ALA A 3 -1.32 29.00 -10.15
N VAL A 4 -0.62 28.13 -9.43
CA VAL A 4 0.28 28.51 -8.37
C VAL A 4 1.69 28.13 -8.76
N SER A 5 2.62 29.08 -8.71
N SER A 5 2.62 29.08 -8.69
CA SER A 5 4.01 28.81 -9.06
CA SER A 5 4.00 28.86 -9.08
C SER A 5 4.68 28.06 -7.94
C SER A 5 4.75 28.15 -7.95
N VAL A 6 5.53 27.11 -8.32
CA VAL A 6 6.29 26.34 -7.39
C VAL A 6 7.66 26.16 -8.04
N GLY A 7 8.63 26.94 -7.60
CA GLY A 7 9.91 26.98 -8.28
C GLY A 7 9.71 27.41 -9.70
N LYS A 8 10.33 26.72 -10.64
CA LYS A 8 10.11 27.00 -12.08
C LYS A 8 8.82 26.45 -12.65
N GLY A 9 8.12 25.61 -11.86
CA GLY A 9 6.91 24.97 -12.34
C GLY A 9 5.68 25.58 -11.72
N SER A 10 4.57 24.88 -11.88
CA SER A 10 3.28 25.32 -11.36
C SER A 10 2.25 24.21 -11.39
N TYR A 11 1.22 24.36 -10.58
CA TYR A 11 0.06 23.51 -10.70
C TYR A 11 -1.18 24.36 -10.87
N ALA A 12 -2.17 23.80 -11.53
CA ALA A 12 -3.46 24.45 -11.79
C ALA A 12 -4.31 24.48 -10.54
N THR A 13 -5.02 25.60 -10.31
CA THR A 13 -6.00 25.67 -9.22
C THR A 13 -7.45 25.73 -9.70
N GLU A 14 -7.62 25.74 -11.01
CA GLU A 14 -8.92 25.62 -11.65
C GLU A 14 -8.86 24.41 -12.55
N PHE A 15 -9.97 23.69 -12.66
CA PHE A 15 -10.01 22.48 -13.50
C PHE A 15 -9.79 22.91 -14.96
N PRO A 16 -8.80 22.31 -15.62
CA PRO A 16 -8.51 22.77 -16.98
C PRO A 16 -9.58 22.41 -18.00
N GLU A 17 -9.60 23.15 -19.09
CA GLU A 17 -10.35 22.74 -20.28
C GLU A 17 -9.53 21.64 -20.96
N ILE A 18 -9.97 20.39 -20.84
CA ILE A 18 -9.14 19.28 -21.28
C ILE A 18 -9.05 19.22 -22.79
N ASP A 19 -7.85 18.97 -23.29
CA ASP A 19 -7.58 18.67 -24.70
C ASP A 19 -7.72 17.17 -24.88
N PHE A 20 -8.80 16.75 -25.52
CA PHE A 20 -9.07 15.33 -25.71
C PHE A 20 -8.32 14.75 -26.91
N GLY A 21 -7.60 15.57 -27.68
CA GLY A 21 -6.77 15.07 -28.79
C GLY A 21 -7.60 14.43 -29.89
N GLY A 22 -8.86 14.84 -30.01
CA GLY A 22 -9.80 14.24 -30.94
C GLY A 22 -10.31 12.83 -30.59
N ILE A 23 -9.94 12.30 -29.43
CA ILE A 23 -10.38 10.96 -29.03
C ILE A 23 -11.81 11.04 -28.53
N ASN A 24 -12.66 10.22 -29.14
CA ASN A 24 -14.09 10.22 -28.84
C ASN A 24 -14.49 9.12 -27.85
N ASP A 25 -13.64 8.11 -27.68
CA ASP A 25 -13.89 7.02 -26.74
C ASP A 25 -14.41 7.56 -25.41
N PRO A 26 -15.65 7.16 -25.01
CA PRO A 26 -16.22 7.77 -23.81
C PRO A 26 -15.48 7.42 -22.51
N GLY A 27 -14.96 6.19 -22.41
CA GLY A 27 -14.12 5.78 -21.25
C GLY A 27 -12.92 6.71 -21.06
N PHE A 28 -12.16 6.91 -22.14
CA PHE A 28 -11.04 7.86 -22.11
C PHE A 28 -11.51 9.25 -21.69
N ARG A 29 -12.61 9.73 -22.27
CA ARG A 29 -13.06 11.07 -21.95
C ARG A 29 -13.52 11.22 -20.52
N ASP A 30 -14.23 10.20 -20.02
CA ASP A 30 -14.73 10.18 -18.67
C ASP A 30 -13.60 10.15 -17.62
N GLN A 31 -12.47 9.59 -18.01
CA GLN A 31 -11.26 9.60 -17.13
C GLN A 31 -10.72 11.01 -16.83
N GLN A 32 -10.98 11.98 -17.73
CA GLN A 32 -10.46 13.35 -17.59
C GLN A 32 -11.45 14.22 -16.81
N GLY A 33 -11.73 13.78 -15.59
CA GLY A 33 -12.68 14.41 -14.72
C GLY A 33 -12.15 14.51 -13.31
N GLU A 34 -13.06 14.74 -12.38
CA GLU A 34 -12.70 14.99 -11.01
C GLU A 34 -13.37 13.98 -10.08
N PRO A 35 -12.84 13.86 -8.85
CA PRO A 35 -13.51 13.01 -7.86
C PRO A 35 -14.84 13.59 -7.39
N PRO A 36 -15.66 12.80 -6.70
CA PRO A 36 -17.03 13.24 -6.35
C PRO A 36 -17.11 14.56 -5.64
N ALA A 37 -18.10 15.36 -6.02
CA ALA A 37 -18.33 16.63 -5.34
C ALA A 37 -18.74 16.46 -3.89
N THR A 38 -19.57 15.44 -3.62
CA THR A 38 -20.14 15.29 -2.26
C THR A 38 -19.22 14.43 -1.41
N ILE A 39 -18.83 14.96 -0.27
CA ILE A 39 -18.07 14.20 0.73
C ILE A 39 -18.95 14.05 1.96
N TYR A 40 -19.22 12.80 2.35
CA TYR A 40 -20.03 12.51 3.51
C TYR A 40 -19.15 12.59 4.76
N ARG A 41 -18.95 13.82 5.23
CA ARG A 41 -18.22 14.10 6.46
C ARG A 41 -18.92 15.21 7.21
N SER A 42 -18.83 15.17 8.53
CA SER A 42 -19.47 16.20 9.35
C SER A 42 -18.64 17.48 9.32
N ASP A 43 -19.18 18.54 9.92
CA ASP A 43 -18.39 19.78 9.96
C ASP A 43 -17.32 19.77 11.04
N ARG A 44 -17.17 18.66 11.76
CA ARG A 44 -16.02 18.41 12.63
C ARG A 44 -14.78 17.94 11.88
N VAL A 45 -14.95 17.57 10.62
CA VAL A 45 -13.87 17.02 9.81
C VAL A 45 -13.61 18.04 8.72
N THR A 46 -12.49 18.74 8.84
CA THR A 46 -12.15 19.85 7.94
C THR A 46 -10.75 19.66 7.39
N GLY A 47 -10.45 20.46 6.38
CA GLY A 47 -9.15 20.38 5.72
C GLY A 47 -9.13 19.27 4.69
N PRO A 48 -7.94 19.02 4.14
CA PRO A 48 -7.73 17.96 3.13
C PRO A 48 -8.31 16.63 3.65
N MET A 49 -9.14 16.00 2.83
CA MET A 49 -9.85 14.80 3.26
C MET A 49 -8.97 13.56 3.05
N GLN A 50 -9.00 12.64 4.01
CA GLN A 50 -8.28 11.37 3.85
C GLN A 50 -8.94 10.53 2.73
N THR A 51 -8.11 9.82 1.97
CA THR A 51 -8.55 8.94 0.87
C THR A 51 -7.77 7.65 0.99
N ASN A 52 -8.05 6.71 0.09
CA ASN A 52 -7.21 5.49 -0.02
C ASN A 52 -7.17 4.73 1.30
N SER A 53 -8.29 4.70 2.00
CA SER A 53 -8.39 4.08 3.31
C SER A 53 -9.20 2.82 3.28
N TRP A 54 -9.07 2.04 4.35
CA TRP A 54 -9.92 0.87 4.48
C TRP A 54 -11.41 1.24 4.64
N TRP A 55 -11.67 2.44 5.18
CA TRP A 55 -13.01 2.89 5.56
C TRP A 55 -13.65 3.86 4.58
N GLY A 56 -12.97 4.13 3.47
CA GLY A 56 -13.34 5.22 2.58
C GLY A 56 -14.74 5.25 2.06
N SER A 57 -15.40 4.09 1.92
CA SER A 57 -16.73 4.08 1.36
C SER A 57 -17.75 4.86 2.23
N LEU A 58 -17.45 5.00 3.51
CA LEU A 58 -18.27 5.83 4.40
C LEU A 58 -18.29 7.30 3.97
N ALA A 59 -17.19 7.80 3.45
CA ALA A 59 -17.06 9.20 3.02
C ALA A 59 -17.68 9.40 1.64
N VAL A 60 -17.78 8.36 0.82
CA VAL A 60 -18.19 8.55 -0.59
C VAL A 60 -19.64 8.17 -0.82
N ASP A 61 -20.05 7.03 -0.29
CA ASP A 61 -21.45 6.62 -0.35
C ASP A 61 -22.30 7.34 0.70
N ARG A 62 -23.58 7.53 0.44
CA ARG A 62 -24.48 8.12 1.42
C ARG A 62 -24.41 7.36 2.77
N PHE A 63 -24.34 6.04 2.72
CA PHE A 63 -24.18 5.24 3.92
C PHE A 63 -22.76 4.71 3.90
N SER A 64 -22.56 3.41 3.63
CA SER A 64 -21.23 2.89 3.32
C SER A 64 -21.42 1.63 2.52
N MET A 65 -20.32 1.15 1.95
N MET A 65 -20.33 1.12 2.01
CA MET A 65 -20.27 -0.22 1.44
CA MET A 65 -20.34 -0.23 1.48
C MET A 65 -19.82 -1.13 2.59
C MET A 65 -19.75 -1.12 2.57
N ASN A 66 -19.68 -2.43 2.32
CA ASN A 66 -19.17 -3.37 3.32
C ASN A 66 -17.70 -3.05 3.55
N GLN A 67 -17.31 -3.06 4.83
CA GLN A 67 -15.99 -2.70 5.30
C GLN A 67 -15.46 -3.81 6.19
N TYR A 68 -14.13 -3.85 6.34
CA TYR A 68 -13.45 -4.86 7.09
C TYR A 68 -12.53 -4.33 8.21
N PRO A 69 -13.14 -3.78 9.30
CA PRO A 69 -12.41 -3.46 10.53
C PRO A 69 -12.12 -4.77 11.28
N HIS A 70 -11.15 -5.53 10.77
CA HIS A 70 -10.88 -6.86 11.29
C HIS A 70 -10.71 -6.81 12.82
N PRO A 71 -11.36 -7.73 13.55
CA PRO A 71 -11.95 -8.97 13.01
C PRO A 71 -13.33 -8.91 12.39
N PHE A 72 -14.01 -7.76 12.46
CA PHE A 72 -15.38 -7.68 11.94
C PHE A 72 -15.42 -7.34 10.45
N SER A 73 -16.59 -7.59 9.87
CA SER A 73 -17.10 -6.80 8.73
C SER A 73 -18.32 -6.03 9.19
N VAL A 74 -18.46 -4.79 8.70
CA VAL A 74 -19.62 -3.97 9.00
C VAL A 74 -20.10 -3.21 7.78
N ARG A 75 -21.35 -2.75 7.82
CA ARG A 75 -21.81 -1.81 6.81
C ARG A 75 -22.90 -0.91 7.38
N HIS A 76 -22.86 0.36 6.99
CA HIS A 76 -23.86 1.32 7.40
C HIS A 76 -25.08 1.25 6.47
N ARG A 77 -26.27 1.37 7.07
CA ARG A 77 -27.54 1.38 6.35
C ARG A 77 -28.50 2.32 7.07
N ALA A 78 -29.59 2.66 6.41
CA ALA A 78 -30.58 3.51 7.05
C ALA A 78 -31.07 2.91 8.38
N GLU A 79 -31.17 1.59 8.44
CA GLU A 79 -31.69 0.91 9.62
C GLU A 79 -30.69 0.81 10.77
N GLY A 80 -29.41 1.01 10.49
CA GLY A 80 -28.36 0.90 11.50
C GLY A 80 -27.09 0.26 10.94
N LEU A 81 -26.21 -0.22 11.83
CA LEU A 81 -24.92 -0.77 11.41
C LEU A 81 -25.02 -2.29 11.44
N HIS A 82 -24.88 -2.92 10.28
CA HIS A 82 -24.82 -4.38 10.21
C HIS A 82 -23.42 -4.84 10.62
N VAL A 83 -23.37 -5.89 11.45
CA VAL A 83 -22.12 -6.49 11.92
C VAL A 83 -22.10 -7.93 11.52
N PHE A 84 -20.94 -8.40 11.04
CA PHE A 84 -20.76 -9.75 10.60
C PHE A 84 -19.36 -10.24 10.92
N TYR A 85 -19.23 -11.56 11.05
CA TYR A 85 -17.95 -12.21 11.18
C TYR A 85 -17.92 -13.42 10.29
N ASP A 86 -16.95 -13.49 9.38
CA ASP A 86 -16.78 -14.68 8.54
C ASP A 86 -16.22 -15.84 9.39
N ALA A 87 -17.08 -16.81 9.64
CA ALA A 87 -16.68 -18.04 10.29
C ALA A 87 -16.15 -19.02 9.21
N PRO A 88 -15.53 -20.14 9.62
CA PRO A 88 -15.00 -21.08 8.61
C PRO A 88 -16.07 -21.53 7.62
N HIS A 89 -17.30 -21.75 8.07
CA HIS A 89 -18.38 -22.14 7.15
C HIS A 89 -18.78 -21.06 6.13
N ASN A 90 -18.41 -19.80 6.39
CA ASN A 90 -18.62 -18.71 5.45
C ASN A 90 -17.52 -18.54 4.41
N MET A 91 -16.36 -19.13 4.67
CA MET A 91 -15.18 -18.93 3.81
C MET A 91 -15.16 -19.98 2.68
N VAL A 92 -14.77 -19.56 1.48
CA VAL A 92 -14.61 -20.46 0.35
C VAL A 92 -13.35 -20.20 -0.42
N VAL A 93 -12.86 -21.23 -1.10
CA VAL A 93 -11.76 -21.09 -2.06
C VAL A 93 -12.31 -21.65 -3.36
N HIS A 94 -12.36 -20.84 -4.40
CA HIS A 94 -12.93 -21.25 -5.69
C HIS A 94 -11.90 -21.02 -6.78
N GLU A 95 -11.89 -21.91 -7.77
CA GLU A 95 -11.01 -21.76 -8.95
C GLU A 95 -11.91 -21.66 -10.17
N ASN A 96 -11.57 -20.77 -11.10
CA ASN A 96 -12.17 -20.75 -12.42
C ASN A 96 -11.04 -21.11 -13.38
N ARG A 97 -10.97 -22.40 -13.74
CA ARG A 97 -9.85 -22.89 -14.58
C ARG A 97 -9.78 -22.21 -15.90
N GLU A 98 -10.93 -21.96 -16.55
CA GLU A 98 -10.91 -21.30 -17.85
C GLU A 98 -10.32 -19.89 -17.77
N ALA A 99 -10.73 -19.13 -16.74
CA ALA A 99 -10.21 -17.80 -16.51
C ALA A 99 -8.81 -17.74 -15.96
N GLY A 100 -8.35 -18.84 -15.39
CA GLY A 100 -7.05 -18.92 -14.71
C GLY A 100 -7.10 -18.14 -13.39
N THR A 101 -8.28 -18.02 -12.79
CA THR A 101 -8.43 -17.23 -11.56
C THR A 101 -8.72 -18.11 -10.36
N TRP A 102 -8.36 -17.60 -9.18
CA TRP A 102 -8.73 -18.20 -7.93
C TRP A 102 -9.24 -17.09 -7.00
N HIS A 103 -10.09 -17.45 -6.06
CA HIS A 103 -10.76 -16.48 -5.17
C HIS A 103 -10.90 -17.07 -3.79
N ILE A 104 -10.36 -16.38 -2.76
CA ILE A 104 -10.59 -16.74 -1.37
C ILE A 104 -11.49 -15.66 -0.85
N HIS A 105 -12.69 -16.00 -0.37
CA HIS A 105 -13.61 -14.98 0.12
C HIS A 105 -14.60 -15.55 1.13
N GLY A 106 -15.32 -14.65 1.78
CA GLY A 106 -16.39 -15.00 2.68
C GLY A 106 -17.72 -14.51 2.16
N ALA A 107 -18.59 -14.08 3.07
CA ALA A 107 -19.95 -13.72 2.75
C ALA A 107 -20.23 -12.27 3.13
N ILE A 108 -21.29 -11.72 2.54
CA ILE A 108 -21.78 -10.41 2.93
C ILE A 108 -23.05 -10.69 3.71
N GLY A 109 -22.92 -11.08 4.97
CA GLY A 109 -24.08 -11.46 5.77
C GLY A 109 -24.29 -10.46 6.90
N THR A 110 -25.24 -10.78 7.79
CA THR A 110 -25.49 -9.97 8.96
C THR A 110 -25.67 -10.90 10.15
N ASP A 111 -24.81 -10.79 11.16
CA ASP A 111 -25.01 -11.50 12.39
C ASP A 111 -26.04 -10.77 13.26
N PHE A 112 -25.96 -9.45 13.30
CA PHE A 112 -26.96 -8.58 13.93
C PHE A 112 -26.77 -7.16 13.45
N THR A 113 -27.77 -6.34 13.71
CA THR A 113 -27.73 -4.94 13.39
C THR A 113 -27.76 -4.14 14.66
N ILE A 114 -26.81 -3.22 14.80
CA ILE A 114 -26.78 -2.25 15.88
C ILE A 114 -27.70 -1.13 15.49
N LYS A 115 -28.71 -0.89 16.33
CA LYS A 115 -29.78 0.05 16.03
C LYS A 115 -29.97 1.07 17.14
N HIS A 116 -30.75 2.09 16.80
CA HIS A 116 -31.06 3.24 17.64
C HIS A 116 -32.57 3.13 17.94
N SER A 117 -32.95 3.21 19.22
CA SER A 117 -34.36 3.02 19.61
C SER A 117 -35.35 3.99 18.94
N GLY A 118 -34.87 5.16 18.53
CA GLY A 118 -35.65 6.24 17.98
C GLY A 118 -35.93 6.26 16.51
N THR A 119 -35.14 5.52 15.74
CA THR A 119 -35.24 5.54 14.27
C THR A 119 -34.57 4.34 13.67
N ALA A 120 -35.15 3.80 12.60
CA ALA A 120 -34.47 2.90 11.70
C ALA A 120 -34.51 3.48 10.29
N ASN A 121 -34.52 4.79 10.20
CA ASN A 121 -34.50 5.50 8.94
C ASN A 121 -33.55 6.68 8.98
N PHE A 122 -32.28 6.37 9.28
CA PHE A 122 -31.24 7.36 9.21
C PHE A 122 -31.12 7.89 7.76
N GLU A 123 -30.75 9.14 7.67
CA GLU A 123 -30.68 9.87 6.39
C GLU A 123 -29.37 9.62 5.66
N GLN A 124 -28.30 9.48 6.44
CA GLN A 124 -26.98 9.29 5.89
C GLN A 124 -26.05 8.87 7.02
N ALA A 125 -24.88 8.39 6.64
CA ALA A 125 -23.77 8.10 7.57
C ALA A 125 -22.57 8.90 7.12
N VAL A 126 -21.99 9.68 8.03
CA VAL A 126 -20.85 10.52 7.67
C VAL A 126 -19.62 10.17 8.49
N VAL A 127 -18.46 10.52 7.98
CA VAL A 127 -17.25 10.47 8.76
C VAL A 127 -17.26 11.67 9.71
N ASP A 128 -17.22 11.38 11.02
CA ASP A 128 -17.25 12.42 12.07
C ASP A 128 -15.90 12.64 12.72
N ASP A 129 -14.99 11.70 12.56
CA ASP A 129 -13.61 11.82 13.02
C ASP A 129 -12.84 10.64 12.46
N TYR A 130 -11.51 10.77 12.38
CA TYR A 130 -10.67 9.63 12.09
C TYR A 130 -9.29 9.88 12.65
N ASN A 131 -8.51 8.81 12.73
CA ASN A 131 -7.11 8.92 13.14
C ASN A 131 -6.29 8.00 12.26
N ASP A 132 -5.16 7.47 12.73
CA ASP A 132 -4.29 6.77 11.82
C ASP A 132 -4.89 5.46 11.31
N TRP A 133 -5.78 4.82 12.10
CA TRP A 133 -6.49 3.63 11.61
C TRP A 133 -7.91 3.34 12.11
N TYR A 134 -8.45 4.14 13.05
CA TYR A 134 -9.87 4.07 13.42
C TYR A 134 -10.66 5.16 12.70
N VAL A 135 -11.97 4.94 12.61
CA VAL A 135 -12.89 5.94 12.10
C VAL A 135 -14.06 6.05 13.06
N ARG A 136 -14.69 7.21 13.12
CA ARG A 136 -15.94 7.40 13.81
C ARG A 136 -17.01 7.74 12.74
N GLY A 137 -17.95 6.84 12.56
CA GLY A 137 -19.03 7.00 11.61
C GLY A 137 -20.28 7.46 12.35
N LEU A 138 -21.00 8.40 11.77
CA LEU A 138 -22.12 9.02 12.45
C LEU A 138 -23.37 8.87 11.59
N LEU A 139 -24.26 8.01 12.05
CA LEU A 139 -25.61 7.83 11.44
C LEU A 139 -26.50 8.94 11.99
N GLU A 140 -27.14 9.69 11.09
CA GLU A 140 -27.80 10.98 11.43
C GLU A 140 -29.25 10.98 10.93
N ASN A 141 -30.17 11.41 11.79
CA ASN A 141 -31.58 11.73 11.41
C ASN A 141 -32.08 12.79 12.40
N GLY A 142 -31.75 14.05 12.13
CA GLY A 142 -32.19 15.15 12.99
C GLY A 142 -31.57 15.01 14.39
N ALA A 143 -32.41 15.02 15.41
CA ALA A 143 -31.95 14.82 16.80
C ALA A 143 -31.39 13.41 17.05
N HIS A 144 -31.83 12.41 16.27
CA HIS A 144 -31.36 11.02 16.45
C HIS A 144 -30.01 10.84 15.80
N GLN A 145 -29.03 10.44 16.61
CA GLN A 145 -27.69 10.17 16.07
C GLN A 145 -27.12 8.94 16.74
N MET A 146 -26.32 8.18 16.00
CA MET A 146 -25.62 7.05 16.48
C MET A 146 -24.20 7.12 15.93
N ALA A 147 -23.24 7.32 16.83
CA ALA A 147 -21.83 7.43 16.47
C ALA A 147 -21.14 6.10 16.77
N ILE A 148 -20.49 5.54 15.76
CA ILE A 148 -19.90 4.23 15.84
C ILE A 148 -18.42 4.37 15.62
N THR A 149 -17.62 3.94 16.59
CA THR A 149 -16.15 4.03 16.48
C THR A 149 -15.62 2.63 16.33
N TYR A 150 -14.81 2.41 15.28
CA TYR A 150 -14.34 1.08 14.94
C TYR A 150 -13.07 1.19 14.10
N GLY A 151 -12.38 0.09 13.96
CA GLY A 151 -11.13 0.10 13.26
C GLY A 151 -10.55 -1.24 12.95
N VAL A 152 -9.70 -1.28 11.95
CA VAL A 152 -8.86 -2.47 11.73
C VAL A 152 -8.07 -2.71 12.98
N GLY A 153 -7.99 -3.96 13.39
CA GLY A 153 -7.24 -4.29 14.59
C GLY A 153 -7.96 -3.92 15.87
N SER A 154 -9.28 -3.68 15.82
CA SER A 154 -10.08 -3.48 17.04
C SER A 154 -11.18 -4.51 17.14
N PRO A 155 -11.12 -5.34 18.16
CA PRO A 155 -12.20 -6.27 18.40
C PRO A 155 -13.39 -5.62 19.12
N TYR A 156 -13.38 -4.29 19.30
CA TYR A 156 -14.51 -3.53 19.81
C TYR A 156 -15.16 -2.72 18.71
N ILE A 157 -16.46 -2.53 18.86
CA ILE A 157 -17.19 -1.46 18.20
C ILE A 157 -17.85 -0.65 19.31
N PHE A 158 -17.52 0.64 19.37
CA PHE A 158 -18.01 1.54 20.41
C PHE A 158 -19.20 2.32 19.87
N VAL A 159 -20.30 2.37 20.62
CA VAL A 159 -21.54 2.97 20.09
C VAL A 159 -22.06 4.06 21.06
N GLU A 160 -22.20 5.28 20.56
CA GLU A 160 -22.68 6.43 21.35
C GLU A 160 -23.96 6.97 20.75
N TYR A 161 -24.99 7.09 21.58
CA TYR A 161 -26.32 7.51 21.14
C TYR A 161 -26.69 8.92 21.57
N GLU A 162 -27.32 9.67 20.65
N GLU A 162 -27.41 9.62 20.70
CA GLU A 162 -28.04 10.93 20.97
CA GLU A 162 -28.05 10.89 21.04
C GLU A 162 -29.52 10.71 20.76
C GLU A 162 -29.52 10.74 20.75
N ASP A 163 -30.32 11.15 21.74
CA ASP A 163 -31.77 11.09 21.69
C ASP A 163 -32.30 9.69 21.48
N GLY A 164 -31.68 8.75 22.18
CA GLY A 164 -32.15 7.39 22.14
C GLY A 164 -31.23 6.41 22.83
N SER A 165 -31.58 5.14 22.67
CA SER A 165 -30.90 4.08 23.36
C SER A 165 -30.66 2.87 22.45
N ALA A 166 -30.06 1.82 23.02
CA ALA A 166 -29.49 0.74 22.23
C ALA A 166 -30.42 -0.38 21.91
N VAL A 167 -30.27 -0.89 20.67
CA VAL A 167 -30.97 -2.06 20.21
C VAL A 167 -30.04 -2.95 19.39
N LEU A 168 -30.09 -4.25 19.62
CA LEU A 168 -29.38 -5.23 18.80
C LEU A 168 -30.43 -6.15 18.22
N ASP A 169 -30.54 -6.16 16.91
CA ASP A 169 -31.58 -6.88 16.21
C ASP A 169 -31.01 -8.04 15.40
N PHE A 170 -31.65 -9.19 15.54
CA PHE A 170 -31.23 -10.47 14.94
C PHE A 170 -32.35 -11.07 14.10
N ASP A 171 -31.99 -11.75 13.03
CA ASP A 171 -33.01 -12.46 12.21
C ASP A 171 -33.45 -13.74 12.91
N ILE A 172 -32.53 -14.40 13.59
CA ILE A 172 -32.80 -15.57 14.41
C ILE A 172 -32.31 -15.28 15.82
N ALA A 173 -33.14 -15.60 16.82
CA ALA A 173 -32.82 -15.28 18.21
C ALA A 173 -31.46 -15.84 18.63
N PRO A 174 -30.57 -15.00 19.22
CA PRO A 174 -29.30 -15.52 19.71
C PRO A 174 -29.42 -16.26 21.04
N ASP A 175 -28.39 -17.04 21.34
CA ASP A 175 -28.20 -17.69 22.63
C ASP A 175 -27.41 -16.75 23.54
N VAL A 176 -28.08 -16.16 24.51
CA VAL A 176 -27.42 -15.40 25.55
C VAL A 176 -26.95 -16.38 26.65
N TRP A 177 -25.68 -16.70 26.62
CA TRP A 177 -25.12 -17.72 27.50
C TRP A 177 -24.55 -17.15 28.78
N GLU A 178 -24.36 -15.83 28.84
CA GLU A 178 -23.95 -15.18 30.08
C GLU A 178 -24.70 -13.88 30.23
N MET A 179 -25.51 -13.79 31.29
CA MET A 179 -26.30 -12.60 31.52
C MET A 179 -25.84 -11.99 32.86
N ASN A 180 -25.01 -10.95 32.79
CA ASN A 180 -24.52 -10.23 33.96
C ASN A 180 -25.25 -8.89 34.17
N GLY A 181 -26.45 -8.71 33.61
CA GLY A 181 -27.20 -7.50 33.80
C GLY A 181 -26.85 -6.53 32.68
N HIS A 182 -25.79 -5.78 32.91
CA HIS A 182 -25.32 -4.74 31.98
C HIS A 182 -24.32 -5.28 30.96
N VAL A 183 -23.87 -6.52 31.14
CA VAL A 183 -22.92 -7.21 30.25
C VAL A 183 -23.51 -8.54 29.87
N ILE A 184 -23.46 -8.85 28.57
CA ILE A 184 -23.97 -10.09 28.08
C ILE A 184 -22.96 -10.76 27.16
N GLY A 185 -22.89 -12.08 27.28
CA GLY A 185 -22.14 -12.94 26.36
C GLY A 185 -23.14 -13.68 25.53
N PHE A 186 -23.00 -13.63 24.21
CA PHE A 186 -24.00 -14.25 23.35
C PHE A 186 -23.41 -14.89 22.12
N SER A 187 -24.21 -15.75 21.52
CA SER A 187 -23.83 -16.39 20.28
C SER A 187 -24.95 -16.30 19.28
N THR A 188 -24.57 -16.13 18.02
CA THR A 188 -25.52 -16.28 16.93
C THR A 188 -26.02 -17.73 16.87
N HIS A 189 -27.10 -17.92 16.15
CA HIS A 189 -27.64 -19.29 15.90
C HIS A 189 -26.58 -20.21 15.28
N ASP A 190 -25.65 -19.64 14.49
CA ASP A 190 -24.57 -20.41 13.90
C ASP A 190 -23.22 -20.30 14.64
N HIS A 191 -23.31 -20.01 15.94
CA HIS A 191 -22.26 -20.22 16.93
C HIS A 191 -21.09 -19.25 16.85
N LYS A 192 -21.37 -18.03 16.42
CA LYS A 192 -20.36 -16.96 16.47
C LYS A 192 -20.52 -16.23 17.78
N HIS A 193 -19.41 -16.07 18.49
CA HIS A 193 -19.42 -15.56 19.86
C HIS A 193 -19.09 -14.06 19.97
N TYR A 194 -20.00 -13.32 20.59
CA TYR A 194 -19.86 -11.91 20.77
C TYR A 194 -20.19 -11.53 22.22
N ALA A 195 -19.94 -10.30 22.55
CA ALA A 195 -20.36 -9.74 23.82
C ALA A 195 -20.85 -8.32 23.67
N ALA A 196 -21.72 -7.89 24.57
CA ALA A 196 -22.15 -6.50 24.58
C ALA A 196 -22.07 -5.94 25.98
N PHE A 197 -21.74 -4.65 26.06
CA PHE A 197 -21.40 -4.00 27.34
C PHE A 197 -22.10 -2.69 27.46
N ALA A 198 -22.84 -2.49 28.57
CA ALA A 198 -23.44 -1.21 28.87
C ALA A 198 -22.98 -0.76 30.27
N PRO A 199 -23.19 0.52 30.63
CA PRO A 199 -22.76 0.94 31.96
C PRO A 199 -23.50 0.19 33.08
N PRO A 200 -22.84 0.03 34.24
CA PRO A 200 -23.52 -0.68 35.35
C PRO A 200 -24.87 -0.11 35.66
N GLY A 201 -25.83 -0.99 35.89
CA GLY A 201 -27.18 -0.60 36.21
C GLY A 201 -28.12 -0.53 35.02
N GLN A 202 -27.56 -0.45 33.81
CA GLN A 202 -28.35 -0.41 32.58
C GLN A 202 -28.41 -1.83 32.03
N ASN A 203 -29.50 -2.53 32.35
CA ASN A 203 -29.55 -3.95 32.13
C ASN A 203 -30.17 -4.28 30.80
N TRP A 204 -29.70 -5.36 30.21
CA TRP A 204 -30.20 -5.81 28.90
C TRP A 204 -31.55 -6.49 29.09
N SER A 205 -32.47 -6.21 28.16
CA SER A 205 -33.78 -6.85 28.09
C SER A 205 -33.94 -7.54 26.75
N GLY A 206 -34.99 -8.35 26.65
CA GLY A 206 -35.27 -9.10 25.42
C GLY A 206 -34.53 -10.40 25.27
N ILE A 207 -33.91 -10.86 26.35
CA ILE A 207 -33.16 -12.11 26.28
C ILE A 207 -34.09 -13.27 25.95
N GLY A 208 -33.67 -14.07 24.96
CA GLY A 208 -34.44 -15.14 24.39
C GLY A 208 -35.23 -14.74 23.17
N SER A 209 -35.33 -13.44 22.89
CA SER A 209 -36.00 -12.95 21.71
C SER A 209 -34.99 -12.57 20.62
N LYS A 210 -35.53 -12.10 19.51
CA LYS A 210 -34.71 -11.59 18.38
C LYS A 210 -34.17 -10.20 18.57
N THR A 211 -34.56 -9.51 19.63
CA THR A 211 -34.18 -8.11 19.80
C THR A 211 -33.75 -7.87 21.24
N LEU A 212 -32.48 -7.55 21.40
CA LEU A 212 -31.90 -7.23 22.70
C LEU A 212 -31.87 -5.73 22.85
N THR A 213 -32.33 -5.20 23.98
CA THR A 213 -32.42 -3.78 24.16
C THR A 213 -31.76 -3.33 25.45
N ASN A 214 -31.33 -2.08 25.46
CA ASN A 214 -30.71 -1.48 26.64
C ASN A 214 -30.97 0.01 26.65
N ASN A 215 -31.36 0.55 27.82
CA ASN A 215 -31.65 1.96 27.97
C ASN A 215 -30.45 2.90 27.93
N ALA A 216 -29.23 2.36 27.95
CA ALA A 216 -28.04 3.19 27.97
C ALA A 216 -27.88 3.97 26.67
N ASP A 217 -27.19 5.09 26.77
CA ASP A 217 -26.75 5.90 25.63
C ASP A 217 -25.33 5.57 25.15
N TYR A 218 -24.77 4.51 25.70
CA TYR A 218 -23.44 3.99 25.36
C TYR A 218 -23.44 2.48 25.46
N ILE A 219 -23.00 1.79 24.42
CA ILE A 219 -22.69 0.37 24.50
C ILE A 219 -21.41 0.09 23.71
N ALA A 220 -20.78 -1.02 24.03
CA ALA A 220 -19.73 -1.58 23.16
C ALA A 220 -20.12 -3.00 22.77
N ILE A 221 -19.70 -3.38 21.58
CA ILE A 221 -19.78 -4.73 21.09
C ILE A 221 -18.33 -5.23 21.01
N ALA A 222 -18.12 -6.48 21.40
CA ALA A 222 -16.84 -7.18 21.17
C ALA A 222 -17.06 -8.48 20.46
N LYS A 223 -16.15 -8.79 19.55
CA LYS A 223 -16.00 -10.15 19.04
C LYS A 223 -15.16 -10.92 20.04
N LEU A 224 -15.72 -12.02 20.57
CA LEU A 224 -14.97 -12.84 21.50
C LEU A 224 -14.21 -13.94 20.77
N PRO A 225 -13.00 -14.26 21.20
CA PRO A 225 -12.27 -15.33 20.53
C PRO A 225 -12.90 -16.71 20.72
N GLU A 226 -13.55 -16.89 21.87
CA GLU A 226 -14.17 -18.16 22.26
C GLU A 226 -15.36 -17.88 23.15
N LYS A 227 -16.22 -18.88 23.30
CA LYS A 227 -17.32 -18.83 24.28
C LYS A 227 -16.70 -19.08 25.63
N ASP A 228 -16.28 -18.01 26.30
CA ASP A 228 -15.46 -18.13 27.48
C ASP A 228 -15.71 -16.95 28.40
N GLY A 229 -16.22 -17.23 29.60
CA GLY A 229 -16.55 -16.15 30.55
C GLY A 229 -15.34 -15.42 31.11
N ASN A 230 -14.16 -16.05 31.11
CA ASN A 230 -12.96 -15.38 31.53
C ASN A 230 -12.55 -14.34 30.49
N MET A 231 -12.70 -14.71 29.21
CA MET A 231 -12.46 -13.73 28.15
C MET A 231 -13.49 -12.58 28.20
N LEU A 232 -14.75 -12.90 28.45
CA LEU A 232 -15.79 -11.87 28.61
C LEU A 232 -15.37 -10.86 29.68
N ALA A 233 -14.88 -11.36 30.82
CA ALA A 233 -14.42 -10.49 31.91
C ALA A 233 -13.26 -9.56 31.55
N LYS A 234 -12.32 -10.07 30.77
CA LYS A 234 -11.24 -9.27 30.26
C LYS A 234 -11.73 -8.20 29.30
N PHE A 235 -12.60 -8.56 28.38
CA PHE A 235 -13.19 -7.56 27.50
C PHE A 235 -13.95 -6.47 28.21
N GLU A 236 -14.55 -6.82 29.34
CA GLU A 236 -15.22 -5.83 30.13
C GLU A 236 -14.28 -4.75 30.64
N GLN A 237 -13.02 -5.09 30.93
N GLN A 237 -13.02 -5.11 30.93
CA GLN A 237 -12.07 -4.15 31.49
CA GLN A 237 -12.03 -4.18 31.48
C GLN A 237 -11.82 -2.93 30.59
C GLN A 237 -11.83 -2.95 30.60
N TYR A 238 -11.89 -3.16 29.27
CA TYR A 238 -11.62 -2.11 28.29
C TYR A 238 -12.84 -1.73 27.45
N ALA A 239 -14.02 -2.21 27.80
CA ALA A 239 -15.23 -1.95 26.98
C ALA A 239 -15.75 -0.52 27.11
N TYR A 240 -15.27 0.23 28.12
CA TYR A 240 -15.72 1.58 28.40
C TYR A 240 -14.64 2.60 28.12
N SER A 241 -13.61 2.21 27.39
CA SER A 241 -12.48 3.04 27.03
C SER A 241 -12.54 3.30 25.52
N VAL A 242 -13.25 4.34 25.12
CA VAL A 242 -13.53 4.57 23.69
C VAL A 242 -12.33 5.25 23.05
N VAL A 243 -11.83 4.65 21.97
CA VAL A 243 -10.68 5.19 21.27
C VAL A 243 -11.00 6.48 20.59
N ARG A 244 -10.27 7.54 20.93
CA ARG A 244 -10.40 8.84 20.30
C ARG A 244 -9.21 9.17 19.43
N ASP A 245 -8.01 8.86 19.89
CA ASP A 245 -6.82 9.09 19.09
C ASP A 245 -6.10 7.78 18.91
N ALA A 246 -5.40 7.66 17.80
CA ALA A 246 -4.62 6.45 17.50
C ALA A 246 -3.52 6.89 16.54
N VAL A 247 -2.27 6.66 16.94
N VAL A 247 -2.26 6.74 16.96
CA VAL A 247 -1.10 7.17 16.23
CA VAL A 247 -1.13 7.14 16.14
C VAL A 247 -0.08 6.05 16.04
C VAL A 247 -0.14 6.00 16.00
N ALA A 248 0.44 5.92 14.82
CA ALA A 248 1.55 5.01 14.50
C ALA A 248 2.78 5.91 14.34
N ASP A 249 3.58 5.97 15.38
CA ASP A 249 4.78 6.82 15.38
C ASP A 249 5.99 5.93 15.14
N TRP A 250 6.93 6.39 14.32
CA TRP A 250 8.06 5.57 13.91
C TRP A 250 9.42 6.25 14.13
N THR A 251 10.46 5.44 14.20
CA THR A 251 11.85 5.93 14.14
C THR A 251 12.65 5.03 13.27
N TYR A 252 13.63 5.62 12.57
CA TYR A 252 14.59 4.86 11.79
C TYR A 252 15.96 5.06 12.44
N ASP A 253 16.57 3.97 12.85
CA ASP A 253 17.93 3.98 13.45
C ASP A 253 18.87 3.67 12.31
N GLU A 254 19.46 4.70 11.73
CA GLU A 254 20.33 4.52 10.57
C GLU A 254 21.51 3.57 10.79
N ALA A 255 22.08 3.61 11.99
CA ALA A 255 23.22 2.77 12.32
C ALA A 255 22.90 1.29 12.22
N THR A 256 21.71 0.89 12.67
CA THR A 256 21.34 -0.53 12.70
C THR A 256 20.38 -0.96 11.58
N GLY A 257 19.75 -0.01 10.91
CA GLY A 257 18.71 -0.30 9.94
C GLY A 257 17.33 -0.54 10.58
N THR A 258 17.22 -0.50 11.91
CA THR A 258 15.94 -0.81 12.57
C THR A 258 14.88 0.29 12.38
N VAL A 259 13.68 -0.09 11.93
CA VAL A 259 12.54 0.79 11.90
C VAL A 259 11.61 0.35 13.01
N THR A 260 11.35 1.23 13.96
CA THR A 260 10.57 0.93 15.17
C THR A 260 9.29 1.72 15.05
N THR A 261 8.16 1.05 15.22
CA THR A 261 6.87 1.72 15.12
C THR A 261 6.12 1.44 16.37
N THR A 262 5.61 2.50 16.99
CA THR A 262 4.79 2.38 18.19
C THR A 262 3.38 2.80 17.87
N PHE A 263 2.44 1.90 18.12
CA PHE A 263 1.00 2.10 17.89
C PHE A 263 0.38 2.46 19.23
N GLU A 264 -0.17 3.66 19.36
CA GLU A 264 -0.65 4.16 20.65
C GLU A 264 -2.04 4.75 20.54
N VAL A 265 -2.94 4.30 21.39
CA VAL A 265 -4.31 4.86 21.46
C VAL A 265 -4.43 5.82 22.63
N THR A 266 -5.36 6.73 22.53
CA THR A 266 -5.80 7.54 23.69
C THR A 266 -7.32 7.40 23.75
N THR A 267 -7.82 6.99 24.91
CA THR A 267 -9.21 6.71 25.08
C THR A 267 -9.90 7.70 25.97
N GLU A 268 -11.23 7.72 25.88
CA GLU A 268 -12.09 8.48 26.76
C GLU A 268 -12.95 7.52 27.57
N ALA A 269 -13.01 7.76 28.89
CA ALA A 269 -13.70 6.91 29.83
C ALA A 269 -15.22 7.09 29.78
N LYS A 270 -15.95 6.00 29.60
CA LYS A 270 -17.41 6.04 29.65
C LYS A 270 -18.02 5.62 30.97
N VAL A 271 -17.19 5.11 31.86
CA VAL A 271 -17.53 4.89 33.26
C VAL A 271 -16.36 5.36 34.08
N GLN A 272 -16.62 5.71 35.34
N GLN A 272 -16.62 5.72 35.32
CA GLN A 272 -15.54 6.14 36.23
CA GLN A 272 -15.55 6.23 36.18
C GLN A 272 -14.42 5.14 36.34
C GLN A 272 -14.45 5.18 36.37
N GLY A 273 -13.19 5.62 36.19
CA GLY A 273 -12.03 4.80 36.37
C GLY A 273 -11.65 3.91 35.21
N ALA A 274 -12.32 4.06 34.08
CA ALA A 274 -12.03 3.19 32.95
C ALA A 274 -10.56 3.44 32.54
N PRO A 275 -9.81 2.39 32.25
CA PRO A 275 -8.38 2.56 31.92
C PRO A 275 -8.15 3.22 30.58
N ASP A 276 -6.99 3.87 30.44
CA ASP A 276 -6.60 4.45 29.18
C ASP A 276 -5.84 3.40 28.36
N GLY A 277 -6.60 2.66 27.58
CA GLY A 277 -6.07 1.57 26.78
C GLY A 277 -7.20 0.81 26.12
N THR A 278 -6.84 -0.22 25.37
CA THR A 278 -7.80 -1.06 24.67
C THR A 278 -7.29 -2.47 24.58
N ILE A 279 -8.01 -3.33 23.87
CA ILE A 279 -7.47 -4.59 23.42
C ILE A 279 -7.30 -4.45 21.91
N PHE A 280 -6.06 -4.58 21.45
CA PHE A 280 -5.70 -4.54 20.06
C PHE A 280 -5.77 -5.96 19.52
N ALA A 281 -6.15 -6.12 18.25
CA ALA A 281 -5.99 -7.37 17.52
C ALA A 281 -4.87 -7.14 16.52
N LEU A 282 -3.76 -7.84 16.68
CA LEU A 282 -2.60 -7.68 15.80
C LEU A 282 -2.65 -8.63 14.61
N TYR A 283 -2.25 -8.13 13.45
CA TYR A 283 -2.07 -8.92 12.25
C TYR A 283 -0.70 -9.61 12.25
N PRO A 284 -0.54 -10.68 11.47
CA PRO A 284 0.76 -11.39 11.37
C PRO A 284 1.99 -10.49 11.11
N HIS A 285 1.88 -9.51 10.22
CA HIS A 285 3.02 -8.64 9.97
C HIS A 285 3.47 -7.81 11.19
N GLN A 286 2.56 -7.62 12.15
CA GLN A 286 2.83 -6.97 13.41
C GLN A 286 3.39 -7.94 14.43
N TYR A 287 2.63 -8.97 14.77
CA TYR A 287 3.06 -9.77 15.91
C TYR A 287 4.32 -10.59 15.63
N ARG A 288 4.57 -10.93 14.37
CA ARG A 288 5.82 -11.63 14.03
C ARG A 288 7.05 -10.77 14.32
N HIS A 289 6.86 -9.45 14.46
CA HIS A 289 7.91 -8.48 14.71
C HIS A 289 7.72 -7.69 15.98
N LEU A 290 7.03 -8.29 16.94
CA LEU A 290 6.68 -7.58 18.15
C LEU A 290 7.95 -7.29 18.97
N ALA A 291 8.10 -6.07 19.46
CA ALA A 291 9.23 -5.72 20.36
C ALA A 291 9.18 -6.55 21.61
N SER A 292 10.35 -6.92 22.14
CA SER A 292 10.43 -7.58 23.46
C SER A 292 9.57 -6.96 24.55
N SER A 293 9.63 -5.64 24.64
CA SER A 293 8.96 -4.89 25.67
C SER A 293 7.43 -4.94 25.59
N SER A 294 6.87 -5.34 24.44
CA SER A 294 5.42 -5.48 24.28
C SER A 294 4.91 -6.90 24.56
N GLU A 295 5.80 -7.87 24.67
CA GLU A 295 5.43 -9.28 24.72
C GLU A 295 4.57 -9.58 25.96
N ASN A 296 4.85 -8.91 27.09
CA ASN A 296 4.07 -9.12 28.34
C ASN A 296 2.58 -8.72 28.25
N GLN A 297 2.24 -7.95 27.21
CA GLN A 297 0.88 -7.47 27.00
C GLN A 297 0.04 -8.41 26.15
N LEU A 298 0.67 -9.39 25.51
CA LEU A 298 -0.08 -10.38 24.70
C LEU A 298 -1.12 -11.15 25.53
N LEU A 299 -2.29 -11.39 24.95
CA LEU A 299 -3.33 -12.20 25.57
C LEU A 299 -3.25 -13.51 24.80
N GLN A 300 -2.46 -14.45 25.31
CA GLN A 300 -1.96 -15.52 24.43
C GLN A 300 -3.02 -16.31 23.64
N ASN A 301 -4.10 -16.77 24.30
CA ASN A 301 -5.09 -17.58 23.60
C ASN A 301 -6.22 -16.77 22.93
N TYR A 302 -5.99 -15.48 22.72
CA TYR A 302 -6.98 -14.57 22.12
C TYR A 302 -6.71 -14.52 20.62
N GLN A 303 -7.20 -15.50 19.87
CA GLN A 303 -6.97 -15.55 18.42
C GLN A 303 -8.27 -15.35 17.65
N TYR A 304 -8.17 -14.69 16.49
CA TYR A 304 -9.26 -14.57 15.54
C TYR A 304 -8.79 -15.00 14.15
N GLU A 305 -9.58 -15.80 13.44
CA GLU A 305 -9.30 -16.09 12.02
C GLU A 305 -9.95 -15.05 11.12
N ILE A 306 -9.17 -14.53 10.18
CA ILE A 306 -9.65 -13.55 9.18
C ILE A 306 -9.04 -13.89 7.84
N ILE A 307 -9.38 -13.12 6.81
CA ILE A 307 -8.76 -13.34 5.48
C ILE A 307 -7.21 -13.37 5.50
N ARG A 308 -6.62 -12.51 6.34
CA ARG A 308 -5.17 -12.42 6.48
C ARG A 308 -4.55 -13.38 7.51
N GLY A 309 -5.26 -14.45 7.87
CA GLY A 309 -4.70 -15.49 8.77
C GLY A 309 -5.23 -15.30 10.17
N THR A 310 -4.36 -15.39 11.16
CA THR A 310 -4.73 -15.36 12.54
C THR A 310 -4.36 -14.01 13.13
N MET A 311 -5.32 -13.34 13.74
CA MET A 311 -5.01 -12.15 14.55
C MET A 311 -4.85 -12.55 16.00
N ILE A 312 -4.06 -11.81 16.75
CA ILE A 312 -3.93 -12.11 18.20
C ILE A 312 -4.19 -10.87 19.05
N GLY A 313 -4.73 -11.09 20.23
CA GLY A 313 -5.04 -10.00 21.15
C GLY A 313 -3.86 -9.52 21.96
N LEU A 314 -3.86 -8.24 22.27
CA LEU A 314 -2.81 -7.60 23.07
C LEU A 314 -3.45 -6.46 23.83
N GLU A 315 -3.22 -6.36 25.13
CA GLU A 315 -3.89 -5.29 25.93
C GLU A 315 -3.00 -4.14 26.25
N GLY A 316 -3.59 -2.97 26.38
CA GLY A 316 -2.90 -1.80 26.92
C GLY A 316 -3.04 -0.59 26.07
N LYS A 317 -2.12 0.36 26.31
CA LYS A 317 -2.19 1.66 25.64
C LYS A 317 -1.44 1.67 24.33
N ARG A 318 -0.43 0.81 24.21
CA ARG A 318 0.44 0.85 23.05
C ARG A 318 1.14 -0.47 22.86
N PHE A 319 1.64 -0.67 21.63
CA PHE A 319 2.59 -1.75 21.38
C PHE A 319 3.55 -1.31 20.32
N THR A 320 4.64 -2.06 20.17
CA THR A 320 5.74 -1.66 19.29
C THR A 320 6.17 -2.83 18.40
N THR A 321 6.45 -2.54 17.13
CA THR A 321 7.06 -3.51 16.21
C THR A 321 8.42 -3.01 15.80
N GLU A 322 9.27 -3.95 15.42
CA GLU A 322 10.64 -3.68 14.97
C GLU A 322 10.90 -4.42 13.67
N LEU A 323 11.35 -3.67 12.66
CA LEU A 323 11.62 -4.19 11.34
C LEU A 323 13.03 -3.76 10.93
N THR A 324 13.57 -4.38 9.88
CA THR A 324 14.90 -4.06 9.35
C THR A 324 14.79 -3.55 7.93
N TYR A 325 15.18 -2.30 7.74
CA TYR A 325 15.32 -1.70 6.42
C TYR A 325 16.55 -2.30 5.71
N PRO A 326 16.41 -2.83 4.50
CA PRO A 326 17.51 -3.56 3.87
C PRO A 326 18.41 -2.75 2.93
N GLY A 327 18.19 -1.46 2.81
CA GLY A 327 18.83 -0.62 1.78
C GLY A 327 18.11 -0.64 0.45
N VAL A 328 18.41 0.34 -0.42
CA VAL A 328 18.05 0.31 -1.82
C VAL A 328 19.25 0.85 -2.61
N LEU A 329 19.23 0.66 -3.90
CA LEU A 329 20.23 1.24 -4.83
C LEU A 329 19.57 2.05 -5.91
N PRO A 330 20.32 3.01 -6.54
CA PRO A 330 19.76 3.69 -7.69
C PRO A 330 19.68 2.87 -8.96
N SER A 331 20.45 1.78 -9.02
N SER A 331 20.47 1.79 -9.02
CA SER A 331 20.48 0.83 -10.11
CA SER A 331 20.60 0.91 -10.16
C SER A 331 21.40 -0.26 -9.63
C SER A 331 21.45 -0.25 -9.66
N LEU A 332 21.39 -1.39 -10.32
CA LEU A 332 22.49 -2.37 -10.15
C LEU A 332 23.76 -1.73 -10.77
N PRO A 333 24.93 -1.99 -10.15
CA PRO A 333 26.19 -1.51 -10.71
C PRO A 333 26.66 -2.38 -11.86
N ASP A 334 27.83 -2.05 -12.43
CA ASP A 334 28.40 -2.81 -13.55
C ASP A 334 29.24 -3.97 -13.04
N LEU A 335 28.60 -5.11 -12.72
CA LEU A 335 29.33 -6.28 -12.24
C LEU A 335 29.07 -7.57 -12.96
N GLY A 336 28.31 -7.51 -14.05
CA GLY A 336 27.91 -8.70 -14.77
C GLY A 336 28.98 -9.13 -15.76
N ASP A 337 28.88 -10.38 -16.19
CA ASP A 337 29.75 -11.01 -17.21
C ASP A 337 29.10 -10.95 -18.61
N TYR A 338 28.44 -9.84 -18.93
CA TYR A 338 27.78 -9.64 -20.22
C TYR A 338 28.83 -9.29 -21.30
N ASP A 339 28.48 -9.55 -22.54
CA ASP A 339 29.14 -9.01 -23.72
C ASP A 339 28.78 -7.52 -23.76
N ARG A 340 29.75 -6.66 -23.49
CA ARG A 340 29.48 -5.23 -23.38
C ARG A 340 29.00 -4.60 -24.68
N GLU A 341 29.56 -5.02 -25.80
CA GLU A 341 29.07 -4.52 -27.10
C GLU A 341 27.64 -4.94 -27.37
N ARG A 342 27.24 -6.11 -26.89
CA ARG A 342 25.87 -6.58 -27.05
C ARG A 342 24.91 -5.69 -26.23
N LEU A 343 25.35 -5.35 -25.03
CA LEU A 343 24.57 -4.48 -24.14
C LEU A 343 24.48 -3.07 -24.72
N ILE A 344 25.58 -2.58 -25.29
CA ILE A 344 25.57 -1.30 -25.98
C ILE A 344 24.57 -1.29 -27.14
N GLY A 345 24.53 -2.37 -27.91
CA GLY A 345 23.58 -2.50 -28.98
C GLY A 345 22.14 -2.37 -28.45
N TYR A 346 21.86 -3.07 -27.35
CA TYR A 346 20.53 -2.99 -26.73
C TYR A 346 20.20 -1.58 -26.20
N LEU A 347 21.18 -0.90 -25.65
CA LEU A 347 20.95 0.48 -25.18
C LEU A 347 20.54 1.41 -26.30
N HIS A 348 21.21 1.28 -27.46
CA HIS A 348 20.81 2.04 -28.65
C HIS A 348 19.48 1.62 -29.23
N ASP A 349 19.17 0.32 -29.21
CA ASP A 349 17.89 -0.18 -29.66
C ASP A 349 16.76 0.54 -28.92
N ALA A 350 17.02 0.88 -27.65
CA ALA A 350 15.97 1.45 -26.76
C ALA A 350 15.59 2.89 -27.13
N THR A 351 16.35 3.56 -27.99
CA THR A 351 15.92 4.85 -28.49
C THR A 351 14.71 4.76 -29.40
N SER A 352 14.37 3.55 -29.89
CA SER A 352 13.17 3.32 -30.66
C SER A 352 11.90 3.31 -29.82
N ASP A 353 12.06 3.19 -28.51
CA ASP A 353 10.91 3.04 -27.60
C ASP A 353 10.19 4.36 -27.45
N TYR A 354 8.88 4.25 -27.21
CA TYR A 354 8.04 5.42 -26.99
C TYR A 354 6.88 5.07 -26.06
N PRO A 355 6.30 6.09 -25.39
CA PRO A 355 5.15 5.82 -24.53
C PRO A 355 3.93 5.35 -25.29
N THR A 356 3.17 4.39 -24.74
CA THR A 356 2.04 3.85 -25.40
C THR A 356 0.73 4.55 -25.03
N GLY A 357 0.82 5.72 -24.42
CA GLY A 357 -0.34 6.55 -24.16
C GLY A 357 0.11 7.88 -23.61
N SER A 358 -0.84 8.80 -23.44
CA SER A 358 -0.53 10.15 -23.04
C SER A 358 -0.84 10.37 -21.56
N ASP A 359 -1.41 9.36 -20.90
CA ASP A 359 -1.76 9.49 -19.50
C ASP A 359 -0.55 9.31 -18.56
N THR A 360 -0.73 9.70 -17.30
CA THR A 360 0.30 9.62 -16.29
C THR A 360 0.90 8.22 -16.12
N TYR A 361 0.10 7.17 -16.27
CA TYR A 361 0.61 5.82 -16.09
C TYR A 361 1.51 5.38 -17.24
N GLU A 362 1.00 5.48 -18.46
CA GLU A 362 1.81 5.07 -19.63
C GLU A 362 3.02 5.94 -19.82
N LEU A 363 2.88 7.24 -19.57
CA LEU A 363 4.02 8.13 -19.61
C LEU A 363 4.97 7.78 -18.50
N GLY A 364 4.42 7.51 -17.30
CA GLY A 364 5.25 7.03 -16.21
C GLY A 364 6.07 5.79 -16.56
N LYS A 365 5.45 4.79 -17.18
CA LYS A 365 6.19 3.55 -17.49
C LYS A 365 7.36 3.87 -18.44
N TYR A 366 7.12 4.83 -19.33
CA TYR A 366 8.16 5.19 -20.31
C TYR A 366 9.30 5.93 -19.65
N ILE A 367 9.02 6.92 -18.81
CA ILE A 367 10.06 7.61 -18.10
C ILE A 367 10.81 6.72 -17.08
N GLY A 368 10.15 5.75 -16.47
CA GLY A 368 10.88 4.79 -15.68
C GLY A 368 11.88 3.97 -16.51
N LYS A 369 11.46 3.62 -17.71
CA LYS A 369 12.31 2.86 -18.63
C LYS A 369 13.55 3.68 -18.98
N LEU A 370 13.38 4.93 -19.39
CA LEU A 370 14.57 5.80 -19.65
C LEU A 370 15.46 5.98 -18.45
N ALA A 371 14.86 6.20 -17.27
CA ALA A 371 15.65 6.40 -16.07
C ALA A 371 16.45 5.14 -15.70
N THR A 372 15.91 3.96 -16.05
CA THR A 372 16.58 2.69 -15.81
C THR A 372 17.75 2.49 -16.77
N LEU A 373 17.57 2.93 -18.02
CA LEU A 373 18.62 2.86 -19.08
C LEU A 373 19.82 3.77 -18.81
N ALA A 374 19.58 4.99 -18.34
CA ALA A 374 20.66 5.99 -18.18
C ALA A 374 21.90 5.54 -17.35
N PRO A 375 21.70 4.99 -16.12
CA PRO A 375 22.85 4.46 -15.39
C PRO A 375 23.57 3.31 -16.14
N ILE A 376 22.85 2.49 -16.91
CA ILE A 376 23.45 1.36 -17.65
C ILE A 376 24.29 1.93 -18.84
N ALA A 377 23.75 2.91 -19.53
CA ALA A 377 24.54 3.65 -20.55
C ALA A 377 25.82 4.29 -19.98
N ASP A 378 25.72 5.00 -18.85
CA ASP A 378 26.91 5.51 -18.14
C ASP A 378 27.95 4.40 -17.93
N GLN A 379 27.49 3.28 -17.35
CA GLN A 379 28.36 2.14 -17.09
C GLN A 379 29.06 1.58 -18.31
N MET A 380 28.37 1.51 -19.43
CA MET A 380 28.94 0.95 -20.67
C MET A 380 29.82 1.95 -21.44
N GLY A 381 29.97 3.16 -20.93
CA GLY A 381 30.71 4.22 -21.63
C GLY A 381 29.95 4.94 -22.72
N GLU A 382 28.63 4.71 -22.83
CA GLU A 382 27.79 5.41 -23.77
C GLU A 382 27.28 6.69 -23.09
N TYR A 383 28.20 7.60 -22.85
CA TYR A 383 27.94 8.76 -22.01
C TYR A 383 27.02 9.78 -22.67
N GLU A 384 27.22 10.09 -23.94
CA GLU A 384 26.23 10.92 -24.65
C GLU A 384 24.85 10.30 -24.74
N LEU A 385 24.78 8.98 -24.92
CA LEU A 385 23.48 8.33 -24.91
C LEU A 385 22.79 8.47 -23.53
N ALA A 386 23.55 8.28 -22.46
CA ALA A 386 23.05 8.48 -21.08
C ALA A 386 22.50 9.89 -20.94
N GLU A 387 23.23 10.84 -21.49
CA GLU A 387 22.83 12.24 -21.43
C GLU A 387 21.60 12.47 -22.29
N GLN A 388 21.50 11.81 -23.44
CA GLN A 388 20.30 11.87 -24.24
C GLN A 388 19.08 11.41 -23.43
N PHE A 389 19.22 10.28 -22.74
CA PHE A 389 18.10 9.76 -21.94
C PHE A 389 17.72 10.75 -20.82
N ARG A 390 18.69 11.30 -20.10
CA ARG A 390 18.41 12.26 -19.03
C ARG A 390 17.84 13.56 -19.57
N GLY A 391 18.32 13.99 -20.74
CA GLY A 391 17.73 15.15 -21.42
C GLY A 391 16.27 14.96 -21.77
N GLU A 392 15.93 13.77 -22.26
N GLU A 392 15.92 13.77 -22.27
CA GLU A 392 14.55 13.46 -22.59
CA GLU A 392 14.54 13.45 -22.59
C GLU A 392 13.67 13.45 -21.31
C GLU A 392 13.66 13.42 -21.33
N LEU A 393 14.24 12.97 -20.21
CA LEU A 393 13.53 12.99 -18.89
C LEU A 393 13.27 14.44 -18.48
N LYS A 394 14.30 15.28 -18.59
CA LYS A 394 14.14 16.69 -18.30
C LYS A 394 13.07 17.33 -19.17
N ASP A 395 13.08 17.09 -20.48
CA ASP A 395 12.07 17.68 -21.36
C ASP A 395 10.64 17.31 -20.95
N ILE A 396 10.44 16.02 -20.64
CA ILE A 396 9.12 15.50 -20.23
C ILE A 396 8.70 16.10 -18.89
N LEU A 397 9.57 16.03 -17.90
CA LEU A 397 9.23 16.56 -16.58
C LEU A 397 9.01 18.07 -16.59
N GLU A 398 9.85 18.80 -17.32
CA GLU A 398 9.68 20.26 -17.37
C GLU A 398 8.38 20.64 -18.04
N ASP A 399 7.89 19.80 -18.94
CA ASP A 399 6.56 19.97 -19.54
C ASP A 399 5.49 19.72 -18.48
N TRP A 400 5.44 18.48 -17.95
CA TRP A 400 4.37 18.11 -16.99
C TRP A 400 4.30 18.94 -15.71
N LEU A 401 5.46 19.40 -15.23
CA LEU A 401 5.56 20.19 -14.01
C LEU A 401 5.22 21.70 -14.16
N GLN A 402 4.82 22.08 -15.38
N GLN A 402 4.80 22.14 -15.34
CA GLN A 402 4.25 23.40 -15.69
CA GLN A 402 4.34 23.51 -15.53
C GLN A 402 2.79 23.30 -16.06
C GLN A 402 2.91 23.46 -16.10
N ALA A 403 1.95 24.04 -15.36
CA ALA A 403 0.53 23.99 -15.67
C ALA A 403 0.11 25.00 -16.75
N THR A 404 0.96 25.99 -17.01
CA THR A 404 0.63 27.05 -17.98
C THR A 404 1.45 26.93 -19.25
N ASN A 405 0.86 27.36 -20.35
CA ASN A 405 1.55 27.36 -21.64
C ASN A 405 2.27 28.72 -21.83
N ALA A 406 2.85 28.91 -23.00
CA ALA A 406 3.65 30.11 -23.29
C ALA A 406 2.89 31.40 -23.08
N SER A 407 1.58 31.38 -23.30
CA SER A 407 0.72 32.55 -23.12
C SER A 407 0.34 32.84 -21.69
N GLY A 408 0.57 31.87 -20.79
CA GLY A 408 0.19 32.01 -19.41
C GLY A 408 -1.16 31.38 -19.08
N GLN A 409 -1.80 30.77 -20.06
CA GLN A 409 -3.08 30.13 -19.85
C GLN A 409 -2.84 28.69 -19.40
N LEU A 410 -3.83 28.09 -18.77
CA LEU A 410 -3.75 26.65 -18.47
C LEU A 410 -3.66 25.80 -19.70
N LYS A 411 -2.79 24.81 -19.63
CA LYS A 411 -2.71 23.78 -20.64
C LYS A 411 -3.92 22.86 -20.54
N GLY A 412 -4.11 22.09 -21.61
CA GLY A 412 -5.20 21.13 -21.69
C GLY A 412 -4.79 19.68 -21.48
N LYS A 413 -3.49 19.43 -21.36
CA LYS A 413 -2.96 18.08 -21.09
C LYS A 413 -1.51 18.25 -20.68
N ASN A 414 -0.94 17.20 -20.07
CA ASN A 414 0.42 17.21 -19.54
C ASN A 414 0.56 18.25 -18.43
N LEU A 415 -0.31 18.17 -17.41
CA LEU A 415 -0.24 19.07 -16.28
C LEU A 415 -0.88 18.45 -15.03
N PHE A 416 -0.57 19.08 -13.92
CA PHE A 416 -1.12 18.77 -12.60
C PHE A 416 -2.04 19.89 -12.10
N TYR A 417 -3.11 19.45 -11.44
CA TYR A 417 -4.16 20.25 -10.94
C TYR A 417 -4.46 19.87 -9.48
N TYR A 418 -4.68 20.89 -8.66
CA TYR A 418 -5.03 20.71 -7.28
C TYR A 418 -6.52 20.77 -7.11
N ASN A 419 -7.13 19.60 -6.89
CA ASN A 419 -8.53 19.50 -6.51
C ASN A 419 -8.64 19.95 -5.05
N GLU A 420 -9.31 21.08 -4.82
CA GLU A 420 -9.42 21.63 -3.48
C GLU A 420 -10.49 20.90 -2.62
N ASN A 421 -11.53 20.40 -3.26
CA ASN A 421 -12.66 19.76 -2.55
C ASN A 421 -12.14 18.65 -1.62
N TRP A 422 -11.37 17.73 -2.22
CA TRP A 422 -10.71 16.62 -1.48
C TRP A 422 -9.32 17.03 -1.00
N GLY A 423 -8.55 17.75 -1.81
CA GLY A 423 -7.19 18.12 -1.42
C GLY A 423 -6.23 17.10 -2.00
N THR A 424 -6.06 17.14 -3.32
CA THR A 424 -5.24 16.16 -4.01
C THR A 424 -4.74 16.74 -5.34
N ILE A 425 -3.50 16.43 -5.68
CA ILE A 425 -2.94 16.69 -7.01
C ILE A 425 -3.35 15.59 -7.99
N LEU A 426 -4.01 15.99 -9.08
CA LEU A 426 -4.48 15.15 -10.16
C LEU A 426 -3.68 15.51 -11.42
N GLY A 427 -3.27 14.47 -12.15
CA GLY A 427 -2.57 14.64 -13.41
C GLY A 427 -3.42 14.34 -14.62
N TYR A 428 -3.34 15.19 -15.66
CA TYR A 428 -4.14 14.97 -16.87
C TYR A 428 -3.17 14.93 -18.08
N HIS A 429 -3.31 13.97 -19.00
CA HIS A 429 -4.34 12.96 -19.00
C HIS A 429 -4.18 11.93 -17.87
N ALA A 430 -5.35 11.51 -17.41
CA ALA A 430 -5.49 10.54 -16.32
C ALA A 430 -5.88 9.19 -16.89
N ALA A 431 -5.70 8.14 -16.09
CA ALA A 431 -6.14 6.78 -16.49
C ALA A 431 -6.26 5.95 -15.23
N HIS A 432 -6.90 4.79 -15.36
CA HIS A 432 -7.05 3.89 -14.20
C HIS A 432 -7.76 4.56 -13.02
N SER A 433 -8.56 5.57 -13.34
CA SER A 433 -9.33 6.37 -12.41
C SER A 433 -8.43 7.14 -11.41
N SER A 434 -7.23 7.50 -11.83
CA SER A 434 -6.32 8.27 -11.02
C SER A 434 -6.94 9.61 -10.63
N ALA A 435 -7.77 10.18 -11.51
CA ALA A 435 -8.43 11.45 -11.18
C ALA A 435 -9.85 11.22 -10.66
N THR A 436 -10.66 10.40 -11.31
CA THR A 436 -12.05 10.27 -10.96
C THR A 436 -12.29 9.49 -9.67
N ARG A 437 -11.38 8.61 -9.30
CA ARG A 437 -11.48 7.86 -8.04
C ARG A 437 -10.28 8.16 -7.11
N ILE A 438 -9.39 9.09 -7.48
CA ILE A 438 -8.17 9.36 -6.72
C ILE A 438 -7.38 8.05 -6.55
N ASN A 439 -7.31 7.25 -7.60
CA ASN A 439 -6.56 5.98 -7.59
C ASN A 439 -5.09 6.09 -7.86
N ASP A 440 -4.32 5.22 -7.20
CA ASP A 440 -3.00 4.85 -7.77
C ASP A 440 -1.99 5.99 -7.81
N HIS A 441 -2.06 6.99 -6.94
CA HIS A 441 -1.08 8.06 -7.04
C HIS A 441 0.35 7.62 -6.75
N HIS A 442 0.54 6.67 -5.84
CA HIS A 442 1.84 6.06 -5.69
C HIS A 442 2.34 5.34 -6.97
N PHE A 443 1.50 4.53 -7.59
CA PHE A 443 1.90 3.77 -8.78
C PHE A 443 2.33 4.76 -9.86
N HIS A 444 1.51 5.78 -10.13
CA HIS A 444 1.80 6.70 -11.24
C HIS A 444 2.94 7.65 -10.88
N TYR A 445 2.77 8.37 -9.78
CA TYR A 445 3.73 9.40 -9.46
C TYR A 445 5.07 8.81 -9.06
N GLY A 446 5.10 7.56 -8.56
CA GLY A 446 6.38 6.88 -8.34
C GLY A 446 7.31 6.90 -9.56
N TYR A 447 6.73 6.81 -10.75
CA TYR A 447 7.56 6.84 -11.97
C TYR A 447 8.11 8.23 -12.25
N PHE A 448 7.33 9.26 -11.92
CA PHE A 448 7.82 10.65 -12.09
C PHE A 448 8.96 10.93 -11.12
N VAL A 449 8.86 10.38 -9.91
CA VAL A 449 9.90 10.49 -8.92
C VAL A 449 11.16 9.72 -9.34
N LYS A 450 11.01 8.55 -9.99
CA LYS A 450 12.16 7.81 -10.48
C LYS A 450 12.95 8.69 -11.49
N ALA A 451 12.20 9.24 -12.41
CA ALA A 451 12.79 10.17 -13.43
C ALA A 451 13.55 11.32 -12.78
N ALA A 452 12.93 11.94 -11.78
CA ALA A 452 13.54 13.03 -11.07
C ALA A 452 14.79 12.61 -10.30
N ALA A 453 14.75 11.43 -9.69
CA ALA A 453 15.84 10.94 -8.93
C ALA A 453 17.06 10.61 -9.83
N GLU A 454 16.82 10.09 -11.02
CA GLU A 454 17.91 9.84 -11.98
C GLU A 454 18.53 11.17 -12.47
N ILE A 455 17.68 12.16 -12.73
CA ILE A 455 18.19 13.52 -13.05
C ILE A 455 19.02 14.05 -11.90
N ALA A 456 18.50 13.96 -10.67
CA ALA A 456 19.18 14.52 -9.51
C ALA A 456 20.52 13.88 -9.23
N ARG A 457 20.62 12.59 -9.55
CA ARG A 457 21.87 11.84 -9.37
C ARG A 457 23.01 12.42 -10.24
N ALA A 458 22.67 13.01 -11.38
CA ALA A 458 23.63 13.64 -12.27
C ALA A 458 23.66 15.16 -12.19
N ASP A 459 22.56 15.77 -11.75
CA ASP A 459 22.39 17.22 -11.81
C ASP A 459 21.60 17.73 -10.58
N GLN A 460 22.34 18.07 -9.53
CA GLN A 460 21.78 18.58 -8.30
C GLN A 460 21.09 19.94 -8.46
N GLU A 461 21.56 20.76 -9.42
CA GLU A 461 20.99 22.08 -9.66
C GLU A 461 19.51 21.99 -10.11
N TRP A 462 19.25 21.15 -11.10
CA TRP A 462 17.89 20.91 -11.61
C TRP A 462 16.91 20.58 -10.46
N ALA A 463 17.42 19.82 -9.50
CA ALA A 463 16.59 19.24 -8.43
C ALA A 463 16.37 20.18 -7.27
N LYS A 464 17.03 21.36 -7.27
CA LYS A 464 16.80 22.33 -6.22
C LYS A 464 15.34 22.77 -6.17
N SER A 465 14.86 23.13 -4.99
N SER A 465 14.87 23.11 -4.98
CA SER A 465 13.44 23.49 -4.78
CA SER A 465 13.46 23.51 -4.76
C SER A 465 12.97 24.68 -5.61
C SER A 465 13.02 24.64 -5.69
N GLU A 466 13.88 25.64 -5.84
CA GLU A 466 13.56 26.80 -6.65
C GLU A 466 13.58 26.50 -8.15
N ASN A 467 14.20 25.38 -8.54
CA ASN A 467 14.15 24.92 -9.90
C ASN A 467 12.99 23.95 -10.08
N TRP A 468 13.26 22.67 -10.29
CA TRP A 468 12.17 21.70 -10.55
C TRP A 468 11.86 20.82 -9.36
N GLY A 469 12.66 20.94 -8.30
CA GLY A 469 12.48 20.14 -7.08
C GLY A 469 11.22 20.41 -6.30
N GLY A 470 10.77 21.66 -6.28
CA GLY A 470 9.56 22.00 -5.56
C GLY A 470 8.34 21.26 -6.08
N MET A 471 8.21 21.17 -7.41
CA MET A 471 7.08 20.43 -8.01
C MET A 471 7.18 18.91 -7.76
N ILE A 472 8.37 18.35 -7.82
CA ILE A 472 8.54 16.92 -7.48
C ILE A 472 8.15 16.72 -6.02
N ASP A 473 8.60 17.62 -5.14
CA ASP A 473 8.24 17.52 -3.72
C ASP A 473 6.74 17.65 -3.49
N LEU A 474 6.06 18.42 -4.31
CA LEU A 474 4.61 18.52 -4.26
C LEU A 474 3.91 17.21 -4.63
N LEU A 475 4.40 16.54 -5.68
CA LEU A 475 3.85 15.24 -6.07
C LEU A 475 4.02 14.22 -4.96
N ILE A 476 5.18 14.24 -4.30
CA ILE A 476 5.47 13.31 -3.24
C ILE A 476 4.56 13.58 -2.03
N ARG A 477 4.38 14.86 -1.69
CA ARG A 477 3.42 15.22 -0.63
C ARG A 477 2.02 14.74 -0.93
N ASP A 478 1.62 14.76 -2.18
CA ASP A 478 0.27 14.28 -2.49
C ASP A 478 0.07 12.83 -2.00
N PHE A 479 1.05 11.96 -2.27
CA PHE A 479 0.87 10.55 -1.98
C PHE A 479 1.42 10.08 -0.65
N MET A 480 2.27 10.87 0.01
CA MET A 480 2.84 10.47 1.31
C MET A 480 3.21 11.66 2.20
N ALA A 481 2.24 12.55 2.38
CA ALA A 481 2.48 13.73 3.22
C ALA A 481 2.75 13.37 4.64
N ASP A 482 3.55 14.22 5.29
CA ASP A 482 3.69 14.17 6.74
C ASP A 482 2.45 14.79 7.41
N ARG A 483 2.41 14.83 8.72
CA ARG A 483 1.26 15.38 9.45
C ARG A 483 1.22 16.89 9.27
N ASP A 484 0.05 17.47 9.47
CA ASP A 484 -0.11 18.94 9.40
C ASP A 484 0.32 19.53 8.04
N ASP A 485 0.08 18.78 6.97
CA ASP A 485 0.34 19.29 5.64
C ASP A 485 -0.90 20.13 5.25
N ASP A 486 -0.69 21.39 4.86
CA ASP A 486 -1.84 22.25 4.56
C ASP A 486 -2.61 21.86 3.32
N LEU A 487 -2.03 21.06 2.43
CA LEU A 487 -2.69 20.70 1.20
C LEU A 487 -3.18 19.26 1.15
N PHE A 488 -2.57 18.37 1.94
CA PHE A 488 -2.80 16.93 1.74
C PHE A 488 -3.03 16.20 3.04
N PRO A 489 -3.83 15.14 2.99
CA PRO A 489 -4.01 14.32 4.23
C PRO A 489 -2.74 13.53 4.55
N TYR A 490 -2.65 12.98 5.77
CA TYR A 490 -1.48 12.26 6.22
C TYR A 490 -1.30 10.91 5.47
N LEU A 491 -0.12 10.74 4.90
CA LEU A 491 0.31 9.49 4.29
C LEU A 491 -0.80 8.88 3.47
N ARG A 492 -1.26 9.61 2.46
CA ARG A 492 -2.45 9.24 1.72
C ARG A 492 -2.60 7.73 1.44
N MET A 493 -1.60 7.20 0.77
CA MET A 493 -1.75 5.83 0.26
C MET A 493 -1.71 4.78 1.35
N PHE A 494 -0.98 5.07 2.44
CA PHE A 494 -0.59 4.02 3.36
C PHE A 494 -1.57 3.84 4.50
N ASP A 495 -1.76 2.58 4.89
CA ASP A 495 -2.53 2.22 6.09
C ASP A 495 -1.51 1.70 7.09
N PRO A 496 -1.18 2.52 8.10
CA PRO A 496 -0.08 2.12 8.98
C PRO A 496 -0.33 0.87 9.81
N TYR A 497 -1.59 0.51 10.01
CA TYR A 497 -1.95 -0.65 10.82
C TYR A 497 -2.06 -1.90 9.96
N SER A 498 -2.82 -1.83 8.85
CA SER A 498 -2.84 -2.94 7.91
C SER A 498 -1.48 -3.25 7.31
N GLY A 499 -0.62 -2.24 7.26
CA GLY A 499 0.78 -2.40 6.83
C GLY A 499 1.07 -2.24 5.38
N ASN A 500 0.02 -1.93 4.59
CA ASN A 500 0.13 -1.81 3.14
C ASN A 500 -0.52 -0.53 2.66
N SER A 501 -0.24 -0.18 1.41
CA SER A 501 -0.96 0.85 0.72
C SER A 501 -2.25 0.33 0.12
N TRP A 502 -3.26 1.20 0.00
CA TRP A 502 -4.52 0.88 -0.66
C TRP A 502 -4.64 1.74 -1.90
N ALA A 503 -4.88 1.10 -3.03
CA ALA A 503 -4.86 1.79 -4.32
C ALA A 503 -6.08 2.61 -4.72
N ASP A 504 -7.26 2.27 -4.21
CA ASP A 504 -8.49 2.92 -4.61
C ASP A 504 -8.72 4.12 -3.69
N GLY A 505 -8.92 5.29 -4.27
CA GLY A 505 -9.14 6.47 -3.46
C GLY A 505 -10.46 6.42 -2.70
N LEU A 506 -11.50 5.81 -3.31
CA LEU A 506 -12.87 5.91 -2.79
C LEU A 506 -13.31 4.71 -1.96
N ALA A 507 -12.80 3.53 -2.30
CA ALA A 507 -13.08 2.30 -1.58
C ALA A 507 -14.53 1.85 -1.59
N THR A 508 -15.28 2.24 -2.61
CA THR A 508 -16.70 1.93 -2.72
C THR A 508 -16.93 0.54 -3.31
N PHE A 509 -16.38 -0.46 -2.64
CA PHE A 509 -16.55 -1.84 -2.98
C PHE A 509 -16.97 -2.60 -1.72
N ASP A 510 -17.71 -3.68 -1.91
CA ASP A 510 -18.11 -4.50 -0.76
C ASP A 510 -16.98 -5.42 -0.22
N ALA A 511 -15.82 -5.42 -0.87
CA ALA A 511 -14.65 -6.10 -0.31
C ALA A 511 -13.70 -5.14 0.40
N GLY A 512 -14.14 -3.89 0.62
CA GLY A 512 -13.27 -2.86 1.17
C GLY A 512 -12.36 -2.27 0.09
N ASN A 513 -11.16 -1.86 0.46
CA ASN A 513 -10.19 -1.34 -0.46
C ASN A 513 -9.32 -2.48 -0.99
N ASN A 514 -8.50 -2.20 -2.00
CA ASN A 514 -7.64 -3.21 -2.63
C ASN A 514 -6.27 -2.68 -2.99
N GLN A 515 -5.33 -3.58 -3.16
CA GLN A 515 -4.07 -3.27 -3.82
C GLN A 515 -3.63 -4.47 -4.66
N GLN A 516 -3.31 -4.18 -5.92
CA GLN A 516 -2.83 -5.15 -6.88
C GLN A 516 -1.32 -5.12 -6.94
N SER A 517 -0.69 -4.12 -7.57
CA SER A 517 0.77 -4.12 -7.70
C SER A 517 1.50 -3.61 -6.47
N SER A 518 1.79 -4.51 -5.54
CA SER A 518 2.57 -4.13 -4.37
C SER A 518 3.97 -3.71 -4.77
N SER A 519 4.45 -4.20 -5.91
CA SER A 519 5.75 -3.84 -6.41
C SER A 519 5.78 -2.40 -6.95
N GLU A 520 4.70 -1.92 -7.54
CA GLU A 520 4.65 -0.47 -7.94
C GLU A 520 4.55 0.44 -6.72
N ALA A 521 4.00 -0.06 -5.60
CA ALA A 521 4.06 0.72 -4.36
C ALA A 521 5.49 0.78 -3.83
N MET A 522 6.17 -0.36 -3.79
CA MET A 522 7.55 -0.40 -3.34
C MET A 522 8.49 0.45 -4.21
N HIS A 523 8.18 0.48 -5.49
CA HIS A 523 8.90 1.32 -6.46
C HIS A 523 8.75 2.79 -6.07
N ALA A 524 7.52 3.24 -5.74
CA ALA A 524 7.33 4.62 -5.29
C ALA A 524 8.14 4.91 -4.06
N TRP A 525 8.09 4.02 -3.06
CA TRP A 525 8.86 4.28 -1.84
C TRP A 525 10.37 4.31 -2.08
N THR A 526 10.86 3.40 -2.89
CA THR A 526 12.27 3.39 -3.32
C THR A 526 12.69 4.74 -3.91
N ASN A 527 11.86 5.23 -4.82
CA ASN A 527 12.24 6.44 -5.57
C ASN A 527 12.24 7.67 -4.71
N VAL A 528 11.37 7.72 -3.70
CA VAL A 528 11.43 8.80 -2.75
C VAL A 528 12.67 8.70 -1.89
N ILE A 529 13.08 7.49 -1.49
CA ILE A 529 14.32 7.35 -0.73
C ILE A 529 15.49 7.96 -1.58
N LEU A 530 15.56 7.55 -2.84
CA LEU A 530 16.64 7.98 -3.76
C LEU A 530 16.61 9.50 -3.99
N TRP A 531 15.43 10.03 -4.31
CA TRP A 531 15.23 11.46 -4.45
C TRP A 531 15.64 12.27 -3.21
N ALA A 532 15.17 11.83 -2.03
CA ALA A 532 15.44 12.52 -0.81
C ALA A 532 16.93 12.45 -0.45
N GLU A 533 17.55 11.31 -0.70
CA GLU A 533 18.99 11.18 -0.46
C GLU A 533 19.77 12.12 -1.40
N ALA A 534 19.41 12.13 -2.67
CA ALA A 534 20.05 13.00 -3.66
C ALA A 534 19.93 14.49 -3.35
N THR A 535 18.78 14.87 -2.78
CA THR A 535 18.45 16.27 -2.52
C THR A 535 18.65 16.68 -1.07
N GLY A 536 19.20 15.78 -0.26
CA GLY A 536 19.59 16.11 1.12
C GLY A 536 18.43 16.32 2.07
N ASN A 537 17.33 15.61 1.86
CA ASN A 537 16.12 15.79 2.65
C ASN A 537 15.94 14.59 3.57
N LYS A 538 16.56 14.67 4.74
CA LYS A 538 16.59 13.53 5.65
C LYS A 538 15.18 13.09 6.15
N ALA A 539 14.32 14.06 6.50
CA ALA A 539 13.00 13.73 7.07
C ALA A 539 12.17 12.96 6.02
N LEU A 540 12.23 13.40 4.78
CA LEU A 540 11.50 12.75 3.69
C LEU A 540 12.05 11.37 3.40
N ARG A 541 13.38 11.28 3.34
CA ARG A 541 14.02 9.99 3.15
C ARG A 541 13.56 8.96 4.19
N ASP A 542 13.68 9.35 5.44
CA ASP A 542 13.34 8.48 6.54
C ASP A 542 11.87 8.04 6.51
N ARG A 543 10.96 8.93 6.10
CA ARG A 543 9.56 8.55 5.96
C ARG A 543 9.38 7.50 4.89
N ALA A 544 10.11 7.66 3.79
CA ALA A 544 10.01 6.66 2.73
C ALA A 544 10.65 5.33 3.11
N ILE A 545 11.72 5.37 3.93
CA ILE A 545 12.32 4.16 4.49
C ILE A 545 11.33 3.40 5.38
N TYR A 546 10.60 4.14 6.18
CA TYR A 546 9.57 3.55 7.06
C TYR A 546 8.48 2.88 6.20
N LEU A 547 8.09 3.55 5.14
CA LEU A 547 7.03 3.00 4.24
C LEU A 547 7.54 1.76 3.50
N TYR A 548 8.73 1.87 2.89
CA TYR A 548 9.33 0.74 2.17
C TYR A 548 9.39 -0.50 3.08
N THR A 549 9.88 -0.30 4.30
CA THR A 549 10.17 -1.39 5.21
C THR A 549 8.89 -2.03 5.76
N THR A 550 7.90 -1.19 6.07
CA THR A 550 6.61 -1.68 6.56
C THR A 550 5.81 -2.40 5.46
N GLU A 551 5.75 -1.80 4.29
CA GLU A 551 5.07 -2.40 3.15
C GLU A 551 5.68 -3.77 2.86
N MET A 552 7.02 -3.84 2.89
CA MET A 552 7.71 -5.12 2.65
C MET A 552 7.19 -6.22 3.59
N SER A 553 7.04 -5.89 4.88
CA SER A 553 6.52 -6.83 5.87
C SER A 553 5.11 -7.34 5.50
N ALA A 554 4.25 -6.46 5.00
CA ALA A 554 2.92 -6.87 4.57
C ALA A 554 2.93 -7.69 3.30
N ILE A 555 3.79 -7.34 2.36
CA ILE A 555 3.91 -8.08 1.10
C ILE A 555 4.29 -9.54 1.37
N ASN A 556 5.26 -9.75 2.21
CA ASN A 556 5.75 -11.11 2.46
C ASN A 556 4.71 -11.98 3.16
N GLU A 557 3.82 -11.36 3.94
CA GLU A 557 2.71 -12.10 4.53
C GLU A 557 1.54 -12.31 3.56
N TYR A 558 1.00 -11.24 3.01
CA TYR A 558 -0.34 -11.30 2.38
C TYR A 558 -0.37 -11.49 0.89
N PHE A 559 0.69 -11.10 0.20
CA PHE A 559 0.82 -11.34 -1.24
C PHE A 559 1.58 -12.64 -1.47
N PHE A 560 2.64 -12.88 -0.67
CA PHE A 560 3.50 -14.04 -0.91
C PHE A 560 3.26 -15.22 0.05
N ASP A 561 2.80 -14.93 1.26
CA ASP A 561 2.67 -15.92 2.33
C ASP A 561 3.96 -16.72 2.41
N VAL A 562 5.06 -16.00 2.61
CA VAL A 562 6.37 -16.68 2.63
C VAL A 562 6.46 -17.75 3.73
N HIS A 563 5.74 -17.55 4.82
CA HIS A 563 5.77 -18.47 5.98
C HIS A 563 4.81 -19.64 5.86
N GLN A 564 4.04 -19.71 4.76
CA GLN A 564 3.07 -20.79 4.53
C GLN A 564 2.13 -21.00 5.68
N GLU A 565 1.59 -19.89 6.16
CA GLU A 565 0.64 -19.89 7.26
C GLU A 565 -0.69 -19.25 6.94
N ILE A 566 -0.79 -18.46 5.90
CA ILE A 566 -1.95 -17.59 5.73
C ILE A 566 -2.91 -18.13 4.68
N PHE A 567 -2.40 -18.52 3.52
CA PHE A 567 -3.28 -18.97 2.44
C PHE A 567 -3.87 -20.35 2.82
N PRO A 568 -5.14 -20.57 2.50
CA PRO A 568 -5.69 -21.90 2.80
C PRO A 568 -4.96 -23.00 2.03
N GLU A 569 -4.89 -24.20 2.62
CA GLU A 569 -4.16 -25.30 1.97
C GLU A 569 -4.66 -25.61 0.55
N GLU A 570 -5.97 -25.52 0.37
CA GLU A 570 -6.61 -25.79 -0.91
C GLU A 570 -6.38 -24.71 -1.99
N TYR A 571 -5.86 -23.54 -1.61
CA TYR A 571 -5.54 -22.48 -2.61
C TYR A 571 -4.34 -22.89 -3.44
N GLY A 572 -4.51 -23.04 -4.74
CA GLY A 572 -3.43 -23.58 -5.60
C GLY A 572 -2.24 -22.67 -5.82
N PRO A 573 -2.48 -21.40 -6.14
CA PRO A 573 -1.34 -20.54 -6.52
C PRO A 573 -0.40 -20.25 -5.36
N GLU A 574 0.77 -19.72 -5.71
CA GLU A 574 1.78 -19.33 -4.76
C GLU A 574 1.87 -17.82 -4.61
N ILE A 575 0.84 -17.12 -5.01
CA ILE A 575 0.76 -15.66 -4.81
C ILE A 575 -0.69 -15.27 -4.77
N VAL A 576 -1.00 -14.19 -4.03
CA VAL A 576 -2.26 -13.51 -4.13
C VAL A 576 -1.94 -12.24 -4.94
N THR A 577 -2.68 -12.02 -6.02
CA THR A 577 -2.43 -10.93 -6.96
C THR A 577 -3.04 -9.63 -6.42
N ILE A 578 -4.26 -9.72 -5.90
CA ILE A 578 -5.00 -8.55 -5.42
C ILE A 578 -5.45 -8.84 -4.02
N ASN A 579 -4.97 -8.05 -3.05
CA ASN A 579 -5.46 -8.12 -1.70
C ASN A 579 -6.54 -7.09 -1.45
N TRP A 580 -7.63 -7.53 -0.84
CA TRP A 580 -8.74 -6.67 -0.43
C TRP A 580 -8.83 -6.70 1.07
N GLY A 581 -9.56 -5.75 1.63
CA GLY A 581 -9.95 -5.87 3.01
C GLY A 581 -10.61 -7.21 3.34
N GLY A 582 -11.45 -7.71 2.43
CA GLY A 582 -12.32 -8.85 2.74
C GLY A 582 -12.08 -10.14 1.98
N LYS A 583 -11.14 -10.13 1.04
CA LYS A 583 -10.92 -11.25 0.16
C LYS A 583 -9.56 -11.18 -0.50
N MET A 584 -9.17 -12.30 -1.13
CA MET A 584 -7.88 -12.40 -1.83
C MET A 584 -8.13 -13.02 -3.18
N ASP A 585 -7.57 -12.40 -4.24
CA ASP A 585 -7.78 -12.92 -5.62
C ASP A 585 -6.50 -13.20 -6.34
N HIS A 586 -6.52 -14.30 -7.11
CA HIS A 586 -5.50 -14.57 -8.12
C HIS A 586 -6.17 -14.19 -9.41
N ALA A 587 -6.01 -12.92 -9.80
CA ALA A 587 -6.76 -12.29 -10.87
C ALA A 587 -6.19 -10.87 -11.03
N THR A 588 -6.45 -10.26 -12.19
CA THR A 588 -5.99 -8.92 -12.49
C THR A 588 -7.13 -8.01 -12.84
N TRP A 589 -6.89 -6.70 -12.74
CA TRP A 589 -7.89 -5.71 -13.09
C TRP A 589 -8.17 -5.61 -14.62
N TRP A 590 -7.29 -6.17 -15.42
CA TRP A 590 -7.44 -6.24 -16.87
C TRP A 590 -7.39 -7.73 -17.28
N ASN A 591 -7.75 -8.02 -18.53
CA ASN A 591 -7.72 -9.38 -18.99
C ASN A 591 -6.32 -9.83 -19.31
N SER A 592 -5.82 -10.80 -18.55
CA SER A 592 -4.43 -11.19 -18.62
C SER A 592 -4.34 -12.73 -18.70
N GLY A 593 -3.12 -13.21 -18.91
CA GLY A 593 -2.78 -14.62 -18.84
C GLY A 593 -2.09 -15.03 -17.55
N LYS A 594 -1.38 -16.16 -17.61
CA LYS A 594 -0.89 -16.76 -16.41
C LYS A 594 0.28 -15.99 -15.75
N VAL A 595 1.25 -15.55 -16.55
CA VAL A 595 2.43 -14.92 -16.01
C VAL A 595 2.03 -13.62 -15.25
N GLU A 596 1.10 -12.87 -15.83
CA GLU A 596 0.83 -11.51 -15.33
C GLU A 596 0.23 -11.54 -13.93
N LYS A 597 -0.51 -12.61 -13.60
CA LYS A 597 -1.11 -12.75 -12.28
C LYS A 597 -0.06 -13.01 -11.18
N TYR A 598 1.16 -13.38 -11.57
CA TYR A 598 2.34 -13.29 -10.73
C TYR A 598 3.11 -11.97 -10.85
N ALA A 599 3.53 -11.66 -12.06
CA ALA A 599 4.50 -10.60 -12.32
C ALA A 599 4.02 -9.18 -12.10
N ILE A 600 2.71 -8.96 -12.01
CA ILE A 600 2.21 -7.64 -11.63
C ILE A 600 2.66 -7.26 -10.19
N ASN A 601 3.04 -8.26 -9.40
CA ASN A 601 3.68 -8.05 -8.08
C ASN A 601 5.19 -8.13 -8.05
N TRP A 602 5.82 -8.17 -9.24
CA TRP A 602 7.25 -8.09 -9.36
C TRP A 602 7.71 -6.78 -10.03
N LEU A 603 6.95 -6.31 -11.00
CA LEU A 603 7.38 -5.22 -11.87
C LEU A 603 7.17 -3.85 -11.21
N PRO A 604 7.93 -2.84 -11.65
CA PRO A 604 9.06 -2.94 -12.54
C PRO A 604 10.28 -3.42 -11.78
N PHE A 605 11.31 -3.87 -12.48
CA PHE A 605 12.58 -4.21 -11.84
C PHE A 605 13.45 -2.96 -11.79
N HIS A 606 13.99 -2.70 -10.61
CA HIS A 606 14.79 -1.51 -10.37
C HIS A 606 15.71 -1.75 -9.18
N GLY A 607 16.49 -0.72 -8.81
CA GLY A 607 17.42 -0.81 -7.71
C GLY A 607 16.90 -1.06 -6.31
N GLY A 608 15.58 -0.92 -6.13
CA GLY A 608 14.91 -1.26 -4.90
C GLY A 608 14.18 -2.60 -4.93
N SER A 609 14.35 -3.38 -6.00
CA SER A 609 13.62 -4.65 -6.16
C SER A 609 14.19 -5.81 -5.35
N LEU A 610 15.33 -5.62 -4.69
CA LEU A 610 16.03 -6.75 -4.04
C LEU A 610 15.24 -7.38 -2.90
N TYR A 611 14.24 -6.67 -2.37
CA TYR A 611 13.35 -7.28 -1.37
C TYR A 611 12.66 -8.54 -1.89
N LEU A 612 12.45 -8.62 -3.19
CA LEU A 612 11.84 -9.80 -3.81
C LEU A 612 12.66 -11.09 -3.62
N GLY A 613 13.95 -10.96 -3.34
CA GLY A 613 14.84 -12.13 -3.19
C GLY A 613 15.18 -12.52 -1.78
N HIS A 614 14.51 -11.94 -0.77
CA HIS A 614 14.87 -12.21 0.59
C HIS A 614 14.52 -13.66 1.02
N HIS A 615 13.57 -14.28 0.30
CA HIS A 615 13.04 -15.59 0.68
C HIS A 615 13.21 -16.57 -0.47
N PRO A 616 14.44 -17.11 -0.62
CA PRO A 616 14.73 -17.94 -1.78
C PRO A 616 13.86 -19.20 -1.92
N ASP A 617 13.46 -19.81 -0.82
CA ASP A 617 12.51 -20.94 -0.91
C ASP A 617 11.15 -20.49 -1.49
N TYR A 618 10.69 -19.30 -1.10
CA TYR A 618 9.46 -18.75 -1.71
C TYR A 618 9.67 -18.51 -3.21
N VAL A 619 10.76 -17.83 -3.56
CA VAL A 619 11.03 -17.49 -4.93
C VAL A 619 11.02 -18.78 -5.80
N ASP A 620 11.67 -19.83 -5.30
CA ASP A 620 11.67 -21.13 -5.99
C ASP A 620 10.26 -21.71 -6.10
N ARG A 621 9.51 -21.75 -4.99
CA ARG A 621 8.17 -22.33 -4.92
C ARG A 621 7.22 -21.59 -5.91
N ALA A 622 7.30 -20.26 -5.90
CA ALA A 622 6.40 -19.48 -6.76
C ALA A 622 6.71 -19.67 -8.24
N TYR A 623 7.99 -19.61 -8.58
CA TYR A 623 8.44 -19.83 -9.93
C TYR A 623 8.03 -21.24 -10.41
N GLU A 624 8.24 -22.25 -9.57
CA GLU A 624 7.93 -23.66 -9.96
C GLU A 624 6.43 -23.85 -10.18
N GLU A 625 5.60 -23.18 -9.37
CA GLU A 625 4.15 -23.22 -9.54
C GLU A 625 3.71 -22.58 -10.84
N LEU A 626 4.26 -21.41 -11.16
CA LEU A 626 3.92 -20.75 -12.40
C LEU A 626 4.39 -21.61 -13.61
N ARG A 627 5.59 -22.13 -13.50
CA ARG A 627 6.12 -23.03 -14.55
C ARG A 627 5.23 -24.26 -14.73
N ARG A 628 4.78 -24.85 -13.63
CA ARG A 628 3.87 -26.01 -13.70
C ARG A 628 2.61 -25.64 -14.47
N ASP A 629 2.02 -24.49 -14.14
CA ASP A 629 0.76 -24.10 -14.75
C ASP A 629 0.90 -23.76 -16.23
N ILE A 630 1.99 -23.07 -16.57
CA ILE A 630 2.28 -22.80 -17.97
C ILE A 630 2.50 -24.12 -18.71
N GLY A 631 3.24 -25.01 -18.07
CA GLY A 631 3.55 -26.36 -18.59
C GLY A 631 4.91 -26.48 -19.24
N SER A 632 5.71 -25.41 -19.14
CA SER A 632 7.01 -25.26 -19.84
C SER A 632 7.54 -23.89 -19.45
N THR A 633 8.62 -23.47 -20.09
CA THR A 633 9.11 -22.08 -19.94
C THR A 633 8.76 -21.21 -21.15
N ASP A 634 7.76 -21.59 -21.92
CA ASP A 634 7.22 -20.75 -22.97
C ASP A 634 6.21 -19.79 -22.31
N TRP A 635 6.74 -18.74 -21.69
CA TRP A 635 5.89 -17.78 -20.94
C TRP A 635 4.89 -17.14 -21.87
N ASN A 636 3.64 -17.01 -21.42
CA ASN A 636 2.57 -16.50 -22.28
C ASN A 636 2.78 -15.02 -22.64
N LEU A 637 3.41 -14.29 -21.72
CA LEU A 637 3.66 -12.87 -21.89
C LEU A 637 4.73 -12.48 -20.86
N TRP A 638 5.39 -11.34 -21.10
CA TRP A 638 6.37 -10.75 -20.19
C TRP A 638 7.48 -11.70 -19.83
N SER A 639 7.97 -12.46 -20.82
CA SER A 639 9.00 -13.47 -20.55
C SER A 639 10.19 -12.91 -19.78
N ASN A 640 10.63 -11.70 -20.14
CA ASN A 640 11.77 -11.09 -19.49
C ASN A 640 11.61 -10.91 -17.97
N LEU A 641 10.39 -10.65 -17.52
CA LEU A 641 10.16 -10.47 -16.09
C LEU A 641 10.29 -11.80 -15.34
N VAL A 642 9.89 -12.90 -15.98
CA VAL A 642 10.01 -14.22 -15.36
C VAL A 642 11.51 -14.57 -15.30
N TRP A 643 12.25 -14.27 -16.35
CA TRP A 643 13.68 -14.59 -16.31
C TRP A 643 14.41 -13.81 -15.20
N MET A 644 14.08 -12.52 -15.09
N MET A 644 14.10 -12.51 -15.08
CA MET A 644 14.65 -11.66 -14.04
CA MET A 644 14.70 -11.68 -14.02
C MET A 644 14.33 -12.16 -12.64
C MET A 644 14.33 -12.16 -12.63
N TYR A 645 13.08 -12.57 -12.44
CA TYR A 645 12.64 -13.14 -11.16
C TYR A 645 13.40 -14.44 -10.86
N ARG A 646 13.43 -15.32 -11.86
CA ARG A 646 14.13 -16.61 -11.75
C ARG A 646 15.59 -16.42 -11.31
N ALA A 647 16.23 -15.33 -11.75
CA ALA A 647 17.63 -15.05 -11.43
C ALA A 647 17.92 -14.79 -9.97
N PHE A 648 16.89 -14.53 -9.17
CA PHE A 648 17.10 -14.43 -7.76
C PHE A 648 17.61 -15.72 -7.12
N THR A 649 17.24 -16.88 -7.68
CA THR A 649 17.67 -18.17 -7.11
C THR A 649 18.41 -19.08 -8.08
N ASN A 650 18.23 -18.89 -9.37
CA ASN A 650 18.84 -19.77 -10.41
C ASN A 650 19.19 -18.93 -11.66
N PRO A 651 20.25 -18.13 -11.55
CA PRO A 651 20.67 -17.32 -12.69
C PRO A 651 21.14 -18.12 -13.92
N ASP A 652 21.66 -19.34 -13.73
CA ASP A 652 22.00 -20.19 -14.90
C ASP A 652 20.77 -20.54 -15.73
N ASP A 653 19.68 -20.89 -15.06
CA ASP A 653 18.40 -21.18 -15.74
C ASP A 653 17.89 -19.92 -16.43
N ALA A 654 17.89 -18.81 -15.69
CA ALA A 654 17.47 -17.51 -16.24
C ALA A 654 18.27 -17.16 -17.49
N LEU A 655 19.60 -17.34 -17.43
CA LEU A 655 20.46 -17.00 -18.58
C LEU A 655 20.15 -17.85 -19.79
N GLN A 656 19.93 -19.15 -19.60
CA GLN A 656 19.70 -20.00 -20.77
C GLN A 656 18.37 -19.66 -21.39
N GLN A 657 17.33 -19.35 -20.58
CA GLN A 657 16.06 -18.94 -21.15
C GLN A 657 16.19 -17.64 -21.93
N MET A 658 16.95 -16.69 -21.38
CA MET A 658 17.17 -15.41 -22.00
C MET A 658 17.92 -15.57 -23.34
N GLU A 659 19.02 -16.31 -23.34
CA GLU A 659 19.76 -16.54 -24.58
C GLU A 659 18.89 -17.15 -25.67
N ALA A 660 18.01 -18.08 -25.32
CA ALA A 660 17.14 -18.75 -26.27
C ALA A 660 16.14 -17.83 -26.94
N SER A 661 15.67 -16.79 -26.23
CA SER A 661 14.49 -16.05 -26.72
C SER A 661 14.56 -14.51 -26.76
N ILE A 662 15.55 -13.91 -26.11
CA ILE A 662 15.60 -12.45 -25.98
C ILE A 662 15.62 -11.73 -27.34
N ASP A 663 16.31 -12.30 -28.34
CA ASP A 663 16.33 -11.70 -29.69
C ASP A 663 15.26 -12.31 -30.63
N ASP A 664 14.25 -13.01 -30.09
CA ASP A 664 13.16 -13.52 -30.96
C ASP A 664 12.53 -12.47 -31.82
N TYR A 665 12.33 -11.29 -31.24
CA TYR A 665 11.83 -10.15 -31.98
C TYR A 665 12.80 -8.97 -31.85
N GLY A 666 12.58 -7.96 -32.70
CA GLY A 666 13.54 -6.86 -32.86
C GLY A 666 13.25 -5.69 -31.94
N LEU A 667 13.01 -4.53 -32.57
CA LEU A 667 12.81 -3.27 -31.87
C LEU A 667 11.43 -3.16 -31.24
N PHE A 668 11.30 -2.16 -30.36
CA PHE A 668 10.06 -1.91 -29.63
C PHE A 668 8.82 -2.03 -30.49
N ASP A 669 7.91 -2.90 -30.08
CA ASP A 669 6.63 -3.06 -30.74
C ASP A 669 5.53 -3.12 -29.66
N PRO A 670 4.70 -2.05 -29.56
CA PRO A 670 3.60 -2.02 -28.58
C PRO A 670 2.63 -3.18 -28.68
N GLY A 671 2.45 -3.77 -29.84
CA GLY A 671 1.54 -4.88 -29.99
C GLY A 671 2.05 -6.20 -29.46
N ASN A 672 3.33 -6.29 -29.06
CA ASN A 672 3.93 -7.56 -28.73
C ASN A 672 4.80 -7.52 -27.46
N GLU A 673 4.20 -7.94 -26.34
CA GLU A 673 4.89 -8.02 -25.06
C GLU A 673 5.22 -9.47 -24.67
N LYS A 674 5.23 -10.38 -25.65
CA LYS A 674 5.54 -11.78 -25.39
C LYS A 674 6.90 -11.93 -24.73
N ILE A 675 7.90 -11.25 -25.25
CA ILE A 675 9.27 -11.41 -24.74
C ILE A 675 9.66 -10.29 -23.80
N ILE A 676 9.39 -9.05 -24.20
CA ILE A 676 9.74 -7.88 -23.40
C ILE A 676 8.48 -7.12 -23.01
N GLU A 677 8.21 -7.08 -21.69
CA GLU A 677 7.08 -6.30 -21.11
C GLU A 677 7.31 -4.82 -21.42
N ARG A 678 6.25 -4.06 -21.68
CA ARG A 678 6.42 -2.72 -22.31
C ARG A 678 7.11 -1.65 -21.44
N GLY A 679 7.12 -1.83 -20.13
CA GLY A 679 7.92 -1.00 -19.25
C GLY A 679 9.37 -1.39 -19.08
N SER A 680 9.76 -2.50 -19.71
N SER A 680 9.79 -2.47 -19.73
CA SER A 680 11.09 -3.10 -19.57
CA SER A 680 11.13 -3.01 -19.58
C SER A 680 11.86 -2.95 -20.90
C SER A 680 11.86 -2.96 -20.91
N THR A 681 13.14 -3.30 -20.90
CA THR A 681 13.93 -3.32 -22.15
C THR A 681 14.82 -4.57 -22.17
N LYS A 682 15.27 -4.93 -23.37
CA LYS A 682 16.35 -5.93 -23.48
C LYS A 682 17.56 -5.53 -22.68
N ALA A 683 17.97 -4.26 -22.73
CA ALA A 683 19.15 -3.81 -22.04
C ALA A 683 19.07 -4.02 -20.52
N GLN A 684 17.94 -3.60 -19.94
CA GLN A 684 17.70 -3.86 -18.53
C GLN A 684 17.73 -5.35 -18.17
N THR A 685 17.08 -6.17 -18.98
CA THR A 685 16.96 -7.60 -18.76
C THR A 685 18.35 -8.26 -18.75
N TYR A 686 19.12 -7.93 -19.77
CA TYR A 686 20.44 -8.54 -19.97
C TYR A 686 21.40 -8.12 -18.86
N HIS A 687 21.35 -6.84 -18.50
CA HIS A 687 22.15 -6.28 -17.42
C HIS A 687 21.80 -6.89 -16.05
N TRP A 688 20.50 -7.02 -15.79
CA TRP A 688 20.04 -7.59 -14.54
C TRP A 688 20.50 -9.03 -14.36
N ILE A 689 20.21 -9.88 -15.35
CA ILE A 689 20.43 -11.32 -15.22
C ILE A 689 21.93 -11.61 -15.08
N HIS A 690 22.76 -10.92 -15.88
CA HIS A 690 24.22 -11.13 -15.76
C HIS A 690 24.80 -10.61 -14.46
N ASN A 691 24.28 -9.50 -13.93
CA ASN A 691 24.69 -9.05 -12.61
C ASN A 691 24.35 -10.07 -11.53
N LEU A 692 23.11 -10.58 -11.54
CA LEU A 692 22.72 -11.59 -10.54
C LEU A 692 23.58 -12.88 -10.66
N ALA A 693 23.93 -13.26 -11.88
CA ALA A 693 24.78 -14.43 -12.11
C ALA A 693 26.12 -14.28 -11.42
N GLU A 694 26.72 -13.09 -11.48
CA GLU A 694 27.99 -12.80 -10.81
C GLU A 694 27.88 -12.58 -9.33
N LEU A 695 26.79 -11.95 -8.89
CA LEU A 695 26.63 -11.57 -7.50
C LEU A 695 26.13 -12.67 -6.59
N GLY A 696 25.29 -13.56 -7.10
CA GLY A 696 24.70 -14.62 -6.28
C GLY A 696 23.38 -14.16 -5.69
N ARG A 697 23.11 -14.56 -4.46
CA ARG A 697 21.82 -14.23 -3.85
C ARG A 697 21.86 -12.96 -3.04
N VAL A 698 20.68 -12.34 -2.92
CA VAL A 698 20.49 -11.26 -2.01
C VAL A 698 20.76 -11.75 -0.60
N ASP A 699 21.50 -10.96 0.18
CA ASP A 699 21.82 -11.31 1.55
C ASP A 699 21.24 -10.32 2.54
N PRO A 700 20.00 -10.59 3.02
CA PRO A 700 19.34 -9.67 3.93
C PRO A 700 19.83 -9.76 5.37
N THR A 701 20.78 -10.66 5.64
CA THR A 701 21.34 -10.78 6.99
C THR A 701 22.35 -9.72 7.33
N VAL A 702 22.79 -8.94 6.35
CA VAL A 702 23.75 -7.86 6.59
C VAL A 702 23.12 -6.50 6.31
N THR A 703 23.23 -5.62 7.30
CA THR A 703 22.82 -4.24 7.20
C THR A 703 24.04 -3.33 7.14
N ALA A 704 23.78 -2.05 6.96
CA ALA A 704 24.81 -1.02 6.89
C ALA A 704 24.33 0.22 7.60
N ASN A 705 25.27 1.12 7.90
CA ASN A 705 24.95 2.35 8.63
C ASN A 705 24.73 3.56 7.73
N HIS A 706 24.48 3.31 6.44
CA HIS A 706 24.00 4.26 5.50
C HIS A 706 22.89 3.58 4.69
N PRO A 707 22.04 4.37 4.03
CA PRO A 707 20.83 3.74 3.48
C PRO A 707 20.87 3.25 2.05
N ILE A 708 21.94 3.56 1.29
CA ILE A 708 21.95 3.27 -0.14
C ILE A 708 22.99 2.19 -0.39
N TYR A 709 22.56 0.94 -0.34
CA TYR A 709 23.49 -0.19 -0.38
C TYR A 709 22.75 -1.45 -0.69
N ALA A 710 23.51 -2.50 -1.01
CA ALA A 710 23.01 -3.87 -1.06
C ALA A 710 24.15 -4.84 -0.74
N VAL A 711 23.80 -6.01 -0.22
CA VAL A 711 24.79 -7.07 0.02
C VAL A 711 24.29 -8.34 -0.63
N PHE A 712 25.18 -8.98 -1.38
CA PHE A 712 24.91 -10.25 -2.00
C PHE A 712 25.89 -11.30 -1.47
N ASN A 713 25.55 -12.56 -1.69
CA ASN A 713 26.30 -13.70 -1.17
C ASN A 713 26.22 -14.82 -2.20
N LYS A 714 27.38 -15.22 -2.72
CA LYS A 714 27.48 -16.30 -3.69
C LYS A 714 28.36 -17.37 -3.07
N ASN A 715 27.70 -18.44 -2.60
CA ASN A 715 28.40 -19.57 -1.98
C ASN A 715 29.33 -19.12 -0.84
N GLY A 716 28.89 -18.15 -0.04
CA GLY A 716 29.68 -17.66 1.10
C GLY A 716 30.60 -16.48 0.82
N ASN A 717 30.77 -16.10 -0.44
CA ASN A 717 31.53 -14.91 -0.79
C ASN A 717 30.56 -13.74 -0.96
N ARG A 718 30.71 -12.77 -0.08
CA ARG A 718 29.90 -11.55 -0.11
C ARG A 718 30.45 -10.49 -1.03
N THR A 719 29.53 -9.81 -1.72
CA THR A 719 29.81 -8.58 -2.46
C THR A 719 28.98 -7.48 -1.81
N TYR A 720 29.65 -6.36 -1.50
CA TYR A 720 29.06 -5.21 -0.84
C TYR A 720 28.95 -4.08 -1.85
N ILE A 721 27.75 -3.53 -2.05
CA ILE A 721 27.56 -2.45 -3.01
C ILE A 721 27.02 -1.22 -2.28
N VAL A 722 27.60 -0.04 -2.52
CA VAL A 722 27.14 1.21 -1.95
C VAL A 722 27.15 2.25 -3.03
N TYR A 723 26.12 3.08 -3.08
CA TYR A 723 26.14 4.27 -3.93
C TYR A 723 26.16 5.48 -3.02
N ASN A 724 27.06 6.41 -3.32
CA ASN A 724 27.24 7.63 -2.54
C ASN A 724 26.76 8.84 -3.30
N PHE A 725 25.63 9.41 -2.86
CA PHE A 725 25.07 10.64 -3.45
C PHE A 725 25.76 11.95 -2.98
N SER A 726 26.70 11.85 -2.05
CA SER A 726 27.33 13.03 -1.45
C SER A 726 28.45 13.57 -2.33
N ASP A 727 28.70 14.87 -2.19
CA ASP A 727 29.88 15.56 -2.72
C ASP A 727 31.20 15.14 -2.03
N SER A 728 31.08 14.55 -0.85
CA SER A 728 32.20 14.10 -0.04
C SER A 728 32.29 12.59 -0.01
N PRO A 729 33.53 12.05 0.17
CA PRO A 729 33.65 10.61 0.36
C PRO A 729 33.01 10.16 1.67
N ILE A 730 32.60 8.90 1.75
CA ILE A 730 32.04 8.35 2.98
C ILE A 730 32.69 7.02 3.29
N THR A 731 32.55 6.63 4.55
CA THR A 731 32.86 5.28 4.99
C THR A 731 31.56 4.62 5.45
N VAL A 732 31.36 3.38 5.02
CA VAL A 732 30.16 2.62 5.37
C VAL A 732 30.59 1.39 6.14
N GLN A 733 30.01 1.21 7.32
CA GLN A 733 30.22 0.04 8.16
C GLN A 733 29.06 -0.93 7.95
N PHE A 734 29.37 -2.20 7.67
CA PHE A 734 28.36 -3.27 7.57
C PHE A 734 28.29 -4.07 8.86
N SER A 735 27.13 -4.70 9.11
CA SER A 735 26.88 -5.35 10.42
C SER A 735 27.76 -6.60 10.65
N ASP A 736 28.35 -7.14 9.59
CA ASP A 736 29.28 -8.27 9.73
C ASP A 736 30.73 -7.84 9.99
N GLY A 737 30.96 -6.55 10.20
CA GLY A 737 32.30 -5.98 10.45
C GLY A 737 33.02 -5.38 9.25
N HIS A 738 32.56 -5.69 8.05
CA HIS A 738 33.15 -5.17 6.83
C HIS A 738 32.97 -3.65 6.70
N SER A 739 33.97 -2.97 6.14
CA SER A 739 33.98 -1.51 5.97
C SER A 739 34.45 -1.18 4.60
N ILE A 740 33.88 -0.14 4.01
CA ILE A 740 34.40 0.37 2.75
C ILE A 740 34.35 1.87 2.68
N GLN A 741 35.21 2.39 1.80
CA GLN A 741 35.24 3.78 1.48
C GLN A 741 34.62 3.97 0.11
N VAL A 742 33.87 5.04 -0.06
CA VAL A 742 33.20 5.31 -1.32
C VAL A 742 33.42 6.76 -1.69
N GLU A 743 33.81 6.95 -2.95
CA GLU A 743 34.11 8.28 -3.48
C GLU A 743 32.80 9.04 -3.77
N PRO A 744 32.89 10.38 -3.89
CA PRO A 744 31.69 11.19 -4.23
C PRO A 744 30.97 10.73 -5.50
N HIS A 745 29.64 10.74 -5.48
CA HIS A 745 28.85 10.49 -6.66
C HIS A 745 29.27 9.25 -7.43
N SER A 746 29.37 8.13 -6.71
CA SER A 746 29.75 6.87 -7.34
C SER A 746 29.39 5.66 -6.50
N PHE A 747 29.41 4.50 -7.16
CA PHE A 747 29.43 3.21 -6.47
C PHE A 747 30.83 2.93 -5.96
N ASN A 748 30.93 2.11 -4.93
CA ASN A 748 32.24 1.61 -4.48
C ASN A 748 32.94 0.71 -5.50
N ILE A 749 32.13 -0.07 -6.24
CA ILE A 749 32.60 -1.03 -7.27
C ILE A 749 31.61 -1.01 -8.43
N GLY A 750 32.07 -1.37 -9.63
CA GLY A 750 31.20 -1.39 -10.80
C GLY A 750 30.61 -0.05 -11.25
N ASN A 751 31.40 1.04 -11.18
CA ASN A 751 30.99 2.28 -11.88
C ASN A 751 31.01 2.18 -13.40
N GLY A 752 31.89 1.34 -13.96
CA GLY A 752 31.95 1.08 -15.40
C GLY A 752 32.32 2.27 -16.28
#